data_8ZOO
#
_entry.id   8ZOO
#
_cell.length_a   1.00
_cell.length_b   1.00
_cell.length_c   1.00
_cell.angle_alpha   90.00
_cell.angle_beta   90.00
_cell.angle_gamma   90.00
#
_symmetry.space_group_name_H-M   'P 1'
#
loop_
_entity.id
_entity.type
_entity.pdbx_description
1 polymer 'Gamma-glutamyl phosphate reductase'
2 non-polymer 'NADP NICOTINAMIDE-ADENINE-DINUCLEOTIDE PHOSPHATE'
3 non-polymer '(2~{S})-2-azanyl-5-oxidanylidene-5-phosphonooxy-pentanoic acid'
#
_entity_poly.entity_id   1
_entity_poly.type   'polypeptide(L)'
_entity_poly.pdbx_seq_one_letter_code
;MLEQMGIAAKQASYKLAQLSSREKNRVLEKIADELEAQSEIILNANAQDVADARANGLSEAMLDRLALTPARLKGIADDV
RQVCNLADPVGQVIDGGVLDSGLRLERRRVPLGVIGVIYEARPNVTVDVASLCLKTGNAVILRGGKETCRTNAATVAVIQ
DALKSCGLPAGAVQAIDNPDRALVSEMLRMDKYIDMLIPRGGAGLHKLCREQSTIPVITGGIGVCHIYVDESVEIAEALK
VIVNAKTQRPSTCNTVETLLVNKNIADSFLPALSKQMAESGVTLHADAAALAQLQAGPAKVVAVKAEEYDDEFLSLDLNV
KIVSDLDDAIAHIREHGTQHSDAILTRDMRNAQRFVNEVDSSAVYVNASTRFTDGGQFGLGAEVAVSTQKLHARGPMGLE
ALTTYKWIGIGDYTIRAHHHHHH
;
_entity_poly.pdbx_strand_id   A,B
#
loop_
_chem_comp.id
_chem_comp.type
_chem_comp.name
_chem_comp.formula
NAP non-polymer 'NADP NICOTINAMIDE-ADENINE-DINUCLEOTIDE PHOSPHATE' 'C21 H28 N7 O17 P3'
#
# COMPACT_ATOMS: atom_id res chain seq x y z
N LEU A 2 -23.36 9.20 11.20
CA LEU A 2 -22.90 8.26 10.20
C LEU A 2 -22.18 7.08 10.83
N GLU A 3 -22.07 7.11 12.16
CA GLU A 3 -21.40 6.03 12.87
C GLU A 3 -22.15 4.72 12.71
N GLN A 4 -23.49 4.77 12.73
CA GLN A 4 -24.28 3.56 12.53
C GLN A 4 -24.03 2.96 11.16
N MET A 5 -23.95 3.79 10.12
CA MET A 5 -23.66 3.29 8.78
C MET A 5 -22.29 2.63 8.74
N GLY A 6 -21.30 3.24 9.38
CA GLY A 6 -19.97 2.65 9.40
C GLY A 6 -19.94 1.32 10.13
N ILE A 7 -20.63 1.22 11.25
CA ILE A 7 -20.65 -0.03 11.99
C ILE A 7 -21.40 -1.11 11.21
N ALA A 8 -22.44 -0.71 10.48
CA ALA A 8 -23.15 -1.66 9.63
C ALA A 8 -22.25 -2.16 8.52
N ALA A 9 -21.46 -1.26 7.92
CA ALA A 9 -20.51 -1.67 6.90
C ALA A 9 -19.46 -2.62 7.47
N LYS A 10 -19.00 -2.36 8.69
CA LYS A 10 -18.02 -3.23 9.32
C LYS A 10 -18.59 -4.63 9.54
N GLN A 11 -19.81 -4.70 10.07
CA GLN A 11 -20.44 -6.01 10.27
C GLN A 11 -20.66 -6.73 8.94
N ALA A 12 -21.08 -5.98 7.92
CA ALA A 12 -21.27 -6.58 6.61
C ALA A 12 -19.97 -7.13 6.04
N SER A 13 -18.87 -6.39 6.24
CA SER A 13 -17.57 -6.88 5.78
C SER A 13 -17.18 -8.14 6.52
N TYR A 14 -17.42 -8.19 7.83
CA TYR A 14 -17.12 -9.39 8.60
C TYR A 14 -17.91 -10.58 8.07
N LYS A 15 -19.19 -10.38 7.78
CA LYS A 15 -19.99 -11.49 7.25
C LYS A 15 -19.56 -11.89 5.85
N LEU A 16 -19.18 -10.91 5.02
CA LEU A 16 -18.88 -11.18 3.63
C LEU A 16 -17.51 -11.83 3.45
N ALA A 17 -16.57 -11.58 4.36
CA ALA A 17 -15.23 -12.13 4.20
C ALA A 17 -15.22 -13.65 4.25
N GLN A 18 -16.25 -14.28 4.80
CA GLN A 18 -16.32 -15.73 4.93
C GLN A 18 -17.17 -16.38 3.85
N LEU A 19 -17.63 -15.62 2.85
CA LEU A 19 -18.49 -16.17 1.82
C LEU A 19 -17.67 -17.02 0.85
N SER A 20 -18.37 -17.75 0.00
CA SER A 20 -17.76 -18.59 -1.01
C SER A 20 -17.92 -17.97 -2.39
N SER A 21 -17.05 -18.39 -3.32
CA SER A 21 -17.05 -17.82 -4.65
C SER A 21 -18.37 -18.08 -5.38
N ARG A 22 -18.90 -19.29 -5.25
CA ARG A 22 -20.15 -19.62 -5.94
C ARG A 22 -21.30 -18.75 -5.45
N GLU A 23 -21.37 -18.51 -4.14
CA GLU A 23 -22.42 -17.65 -3.62
C GLU A 23 -22.32 -16.23 -4.18
N LYS A 24 -21.09 -15.71 -4.26
CA LYS A 24 -20.91 -14.38 -4.82
C LYS A 24 -21.33 -14.33 -6.29
N ASN A 25 -20.99 -15.37 -7.06
CA ASN A 25 -21.39 -15.38 -8.45
C ASN A 25 -22.91 -15.44 -8.61
N ARG A 26 -23.57 -16.27 -7.80
CA ARG A 26 -25.02 -16.33 -7.86
C ARG A 26 -25.64 -14.99 -7.48
N VAL A 27 -25.06 -14.32 -6.47
CA VAL A 27 -25.56 -13.02 -6.07
C VAL A 27 -25.40 -12.02 -7.22
N LEU A 28 -24.25 -12.01 -7.89
CA LEU A 28 -24.04 -11.09 -8.99
C LEU A 28 -25.06 -11.31 -10.10
N GLU A 29 -25.29 -12.58 -10.45
CA GLU A 29 -26.26 -12.87 -11.49
C GLU A 29 -27.66 -12.44 -11.05
N LYS A 30 -28.00 -12.63 -9.78
CA LYS A 30 -29.32 -12.23 -9.30
C LYS A 30 -29.50 -10.72 -9.38
N ILE A 31 -28.49 -9.95 -8.98
CA ILE A 31 -28.63 -8.49 -9.05
C ILE A 31 -28.70 -8.03 -10.50
N ALA A 32 -27.97 -8.70 -11.40
CA ALA A 32 -28.10 -8.36 -12.81
C ALA A 32 -29.52 -8.61 -13.31
N ASP A 33 -30.09 -9.76 -12.92
CA ASP A 33 -31.44 -10.10 -13.34
C ASP A 33 -32.44 -9.08 -12.82
N GLU A 34 -32.32 -8.70 -11.55
CA GLU A 34 -33.27 -7.75 -10.98
C GLU A 34 -33.11 -6.37 -11.59
N LEU A 35 -31.86 -5.97 -11.89
CA LEU A 35 -31.65 -4.69 -12.56
C LEU A 35 -32.32 -4.69 -13.93
N GLU A 36 -32.22 -5.80 -14.67
CA GLU A 36 -32.90 -5.87 -15.95
C GLU A 36 -34.42 -5.86 -15.76
N ALA A 37 -34.91 -6.50 -14.71
CA ALA A 37 -36.36 -6.61 -14.51
C ALA A 37 -37.00 -5.25 -14.24
N GLN A 38 -36.36 -4.44 -13.39
CA GLN A 38 -36.92 -3.16 -12.97
C GLN A 38 -36.36 -1.98 -13.76
N SER A 39 -36.13 -2.18 -15.06
CA SER A 39 -35.50 -1.15 -15.88
C SER A 39 -36.36 0.11 -15.95
N GLU A 40 -37.68 -0.05 -16.02
CA GLU A 40 -38.57 1.10 -16.21
C GLU A 40 -38.48 2.06 -15.03
N ILE A 41 -38.39 1.54 -13.80
CA ILE A 41 -38.31 2.41 -12.63
C ILE A 41 -37.03 3.24 -12.69
N ILE A 42 -35.92 2.61 -13.06
CA ILE A 42 -34.65 3.33 -13.18
C ILE A 42 -34.75 4.38 -14.27
N LEU A 43 -35.35 4.02 -15.41
CA LEU A 43 -35.41 4.93 -16.55
C LEU A 43 -36.27 6.15 -16.24
N ASN A 44 -37.36 5.96 -15.50
CA ASN A 44 -38.21 7.10 -15.15
C ASN A 44 -37.45 8.12 -14.30
N ALA A 45 -36.74 7.62 -13.27
CA ALA A 45 -35.95 8.51 -12.44
C ALA A 45 -34.84 9.17 -13.24
N ASN A 46 -34.21 8.42 -14.15
CA ASN A 46 -33.17 9.00 -14.98
C ASN A 46 -33.72 10.11 -15.87
N ALA A 47 -34.91 9.90 -16.43
CA ALA A 47 -35.52 10.93 -17.26
C ALA A 47 -35.85 12.17 -16.45
N GLN A 48 -36.39 11.97 -15.24
CA GLN A 48 -36.68 13.11 -14.38
C GLN A 48 -35.41 13.88 -14.04
N ASP A 49 -34.34 13.16 -13.71
CA ASP A 49 -33.08 13.81 -13.39
C ASP A 49 -32.51 14.56 -14.58
N VAL A 50 -32.63 13.96 -15.77
CA VAL A 50 -32.15 14.63 -16.99
C VAL A 50 -32.93 15.91 -17.25
N ALA A 51 -34.25 15.85 -17.07
CA ALA A 51 -35.06 17.06 -17.24
C ALA A 51 -34.65 18.14 -16.24
N ASP A 52 -34.43 17.74 -14.98
CA ASP A 52 -34.00 18.71 -13.98
C ASP A 52 -32.64 19.32 -14.34
N ALA A 53 -31.70 18.50 -14.79
CA ALA A 53 -30.39 19.01 -15.16
C ALA A 53 -30.47 19.94 -16.36
N ARG A 54 -31.29 19.59 -17.35
CA ARG A 54 -31.48 20.48 -18.49
C ARG A 54 -32.11 21.80 -18.06
N ALA A 55 -33.03 21.76 -17.11
CA ALA A 55 -33.56 22.98 -16.54
C ALA A 55 -32.50 23.77 -15.80
N ASN A 56 -31.51 23.09 -15.22
CA ASN A 56 -30.40 23.78 -14.55
C ASN A 56 -29.41 24.39 -15.52
N GLY A 57 -29.52 24.10 -16.81
CA GLY A 57 -28.66 24.72 -17.80
C GLY A 57 -27.38 23.98 -18.12
N LEU A 58 -27.29 22.69 -17.80
CA LEU A 58 -26.10 21.93 -18.15
C LEU A 58 -26.02 21.75 -19.66
N SER A 59 -24.80 21.57 -20.15
CA SER A 59 -24.57 21.45 -21.58
C SER A 59 -25.09 20.11 -22.09
N GLU A 60 -25.15 19.99 -23.42
CA GLU A 60 -25.65 18.77 -24.04
C GLU A 60 -24.75 17.59 -23.73
N ALA A 61 -23.43 17.79 -23.75
CA ALA A 61 -22.50 16.70 -23.47
C ALA A 61 -22.67 16.19 -22.05
N MET A 62 -22.77 17.09 -21.07
CA MET A 62 -22.99 16.66 -19.69
C MET A 62 -24.33 15.96 -19.55
N LEU A 63 -25.37 16.47 -20.23
CA LEU A 63 -26.68 15.85 -20.17
C LEU A 63 -26.64 14.43 -20.71
N ASP A 64 -25.92 14.22 -21.82
CA ASP A 64 -25.76 12.87 -22.34
C ASP A 64 -24.97 11.99 -21.39
N ARG A 65 -23.93 12.56 -20.76
CA ARG A 65 -23.11 11.77 -19.86
C ARG A 65 -23.92 11.29 -18.65
N LEU A 66 -24.75 12.16 -18.08
CA LEU A 66 -25.50 11.76 -16.89
C LEU A 66 -26.79 11.04 -17.25
N ALA A 67 -27.13 10.98 -18.54
CA ALA A 67 -28.33 10.26 -18.95
C ALA A 67 -28.08 8.76 -18.98
N LEU A 68 -29.16 8.00 -19.06
CA LEU A 68 -29.07 6.54 -19.13
C LEU A 68 -30.19 6.03 -20.04
N THR A 69 -29.80 5.41 -21.15
CA THR A 69 -30.75 4.77 -22.04
C THR A 69 -31.02 3.34 -21.59
N PRO A 70 -32.13 2.75 -22.02
CA PRO A 70 -32.34 1.31 -21.74
C PRO A 70 -31.21 0.45 -22.29
N ALA A 71 -30.63 0.84 -23.42
CA ALA A 71 -29.46 0.14 -23.93
C ALA A 71 -28.30 0.23 -22.95
N ARG A 72 -28.15 1.39 -22.30
CA ARG A 72 -27.07 1.55 -21.32
C ARG A 72 -27.25 0.62 -20.14
N LEU A 73 -28.48 0.49 -19.62
CA LEU A 73 -28.70 -0.42 -18.50
C LEU A 73 -28.58 -1.87 -18.93
N LYS A 74 -28.94 -2.18 -20.18
CA LYS A 74 -28.67 -3.52 -20.69
C LYS A 74 -27.17 -3.80 -20.70
N GLY A 75 -26.38 -2.82 -21.14
CA GLY A 75 -24.93 -2.97 -21.09
C GLY A 75 -24.42 -3.15 -19.68
N ILE A 76 -25.06 -2.45 -18.72
CA ILE A 76 -24.70 -2.60 -17.31
C ILE A 76 -24.94 -4.04 -16.85
N ALA A 77 -26.09 -4.59 -17.21
CA ALA A 77 -26.34 -6.00 -16.93
C ALA A 77 -25.27 -6.88 -17.56
N ASP A 78 -24.86 -6.53 -18.79
CA ASP A 78 -23.86 -7.33 -19.48
C ASP A 78 -22.52 -7.34 -18.76
N ASP A 79 -21.99 -6.19 -18.33
CA ASP A 79 -20.66 -6.25 -17.72
C ASP A 79 -20.76 -6.77 -16.29
N VAL A 80 -21.90 -6.61 -15.63
CA VAL A 80 -22.08 -7.31 -14.35
C VAL A 80 -21.98 -8.82 -14.56
N ARG A 81 -22.68 -9.33 -15.58
CA ARG A 81 -22.57 -10.75 -15.88
C ARG A 81 -21.15 -11.15 -16.27
N GLN A 82 -20.42 -10.23 -16.91
CA GLN A 82 -19.04 -10.51 -17.27
C GLN A 82 -18.17 -10.65 -16.03
N VAL A 83 -18.29 -9.72 -15.08
CA VAL A 83 -17.53 -9.82 -13.84
C VAL A 83 -17.94 -11.05 -13.06
N CYS A 84 -19.18 -11.52 -13.24
CA CYS A 84 -19.60 -12.76 -12.61
C CYS A 84 -18.71 -13.93 -13.01
N ASN A 85 -18.12 -13.88 -14.21
CA ASN A 85 -17.30 -14.97 -14.72
C ASN A 85 -15.82 -14.81 -14.44
N LEU A 86 -15.42 -13.78 -13.70
CA LEU A 86 -14.01 -13.58 -13.41
C LEU A 86 -13.52 -14.56 -12.34
N ALA A 87 -12.21 -14.64 -12.19
CA ALA A 87 -11.59 -15.54 -11.23
C ALA A 87 -11.48 -14.85 -9.87
N ASP A 88 -11.94 -15.53 -8.83
CA ASP A 88 -11.95 -14.95 -7.49
C ASP A 88 -10.55 -15.03 -6.91
N PRO A 89 -9.93 -13.91 -6.53
CA PRO A 89 -8.57 -13.94 -5.98
C PRO A 89 -8.50 -14.09 -4.46
N VAL A 90 -9.63 -14.17 -3.77
CA VAL A 90 -9.63 -14.27 -2.31
C VAL A 90 -9.30 -15.70 -1.91
N GLY A 91 -8.39 -15.84 -0.96
CA GLY A 91 -7.96 -17.14 -0.48
C GLY A 91 -6.81 -17.76 -1.24
N GLN A 92 -6.41 -17.16 -2.35
CA GLN A 92 -5.29 -17.69 -3.12
C GLN A 92 -3.99 -17.54 -2.36
N VAL A 93 -3.11 -18.53 -2.48
CA VAL A 93 -1.84 -18.53 -1.76
C VAL A 93 -0.80 -17.83 -2.62
N ILE A 94 -0.11 -16.85 -2.03
CA ILE A 94 0.94 -16.13 -2.76
C ILE A 94 2.24 -16.93 -2.77
N ASP A 95 2.73 -17.22 -1.57
CA ASP A 95 4.00 -17.98 -1.46
C ASP A 95 4.07 -18.58 -0.05
N GLY A 96 5.12 -19.35 0.21
CA GLY A 96 5.30 -19.97 1.50
C GLY A 96 6.45 -20.95 1.47
N GLY A 97 6.63 -21.64 2.58
CA GLY A 97 7.67 -22.63 2.69
C GLY A 97 7.93 -23.02 4.12
N VAL A 98 8.79 -24.01 4.28
CA VAL A 98 9.16 -24.51 5.60
C VAL A 98 10.38 -23.76 6.10
N LEU A 99 10.28 -23.23 7.32
CA LEU A 99 11.39 -22.51 7.91
C LEU A 99 12.39 -23.47 8.54
N ASP A 100 13.51 -22.91 9.00
CA ASP A 100 14.56 -23.73 9.60
C ASP A 100 14.12 -24.33 10.92
N SER A 101 13.25 -23.65 11.65
CA SER A 101 12.80 -24.11 12.96
C SER A 101 11.56 -24.98 12.90
N GLY A 102 11.31 -25.63 11.76
CA GLY A 102 10.17 -26.51 11.65
C GLY A 102 8.82 -25.84 11.57
N LEU A 103 8.77 -24.57 11.19
CA LEU A 103 7.53 -23.83 11.08
C LEU A 103 7.18 -23.61 9.62
N ARG A 104 5.96 -23.96 9.25
CA ARG A 104 5.48 -23.81 7.87
C ARG A 104 4.78 -22.47 7.73
N LEU A 105 5.34 -21.58 6.93
CA LEU A 105 4.79 -20.25 6.70
C LEU A 105 4.11 -20.21 5.34
N GLU A 106 3.08 -19.37 5.24
CA GLU A 106 2.43 -19.11 3.96
C GLU A 106 1.78 -17.74 4.01
N ARG A 107 1.50 -17.21 2.83
CA ARG A 107 0.84 -15.92 2.70
C ARG A 107 -0.48 -16.11 1.96
N ARG A 108 -1.58 -15.63 2.54
CA ARG A 108 -2.89 -15.82 1.96
C ARG A 108 -3.55 -14.47 1.70
N ARG A 109 -4.23 -14.36 0.56
CA ARG A 109 -4.96 -13.16 0.21
C ARG A 109 -6.26 -13.08 0.99
N VAL A 110 -6.61 -11.88 1.44
CA VAL A 110 -7.82 -11.66 2.23
C VAL A 110 -8.44 -10.34 1.78
N PRO A 111 -9.75 -10.18 1.99
CA PRO A 111 -10.40 -8.92 1.62
C PRO A 111 -9.84 -7.75 2.41
N LEU A 112 -9.87 -6.58 1.78
CA LEU A 112 -9.28 -5.38 2.35
C LEU A 112 -10.18 -4.72 3.39
N GLY A 113 -11.44 -5.11 3.49
CA GLY A 113 -12.33 -4.53 4.48
C GLY A 113 -13.42 -3.66 3.89
N VAL A 114 -13.53 -2.44 4.37
CA VAL A 114 -14.55 -1.50 3.88
C VAL A 114 -13.88 -0.48 2.98
N ILE A 115 -14.48 -0.27 1.80
CA ILE A 115 -13.93 0.63 0.80
C ILE A 115 -14.91 1.77 0.57
N GLY A 116 -14.42 3.00 0.72
CA GLY A 116 -15.24 4.15 0.44
C GLY A 116 -14.83 4.84 -0.83
N VAL A 117 -15.72 4.93 -1.82
CA VAL A 117 -15.38 5.51 -3.11
C VAL A 117 -16.21 6.78 -3.31
N ILE A 118 -15.58 7.78 -3.92
CA ILE A 118 -16.21 9.06 -4.19
C ILE A 118 -16.15 9.32 -5.69
N TYR A 119 -17.31 9.64 -6.28
CA TYR A 119 -17.42 9.92 -7.70
C TYR A 119 -18.39 11.07 -7.89
N GLU A 120 -18.67 11.39 -9.15
CA GLU A 120 -19.58 12.48 -9.45
C GLU A 120 -20.09 12.34 -10.88
N ALA A 121 -21.42 12.36 -11.03
CA ALA A 121 -22.07 12.42 -12.34
C ALA A 121 -21.62 11.27 -13.24
N ARG A 122 -21.68 10.05 -12.71
CA ARG A 122 -21.33 8.85 -13.47
C ARG A 122 -22.26 7.73 -13.00
N PRO A 123 -23.32 7.43 -13.75
CA PRO A 123 -24.28 6.43 -13.26
C PRO A 123 -23.77 5.01 -13.34
N ASN A 124 -23.04 4.66 -14.39
CA ASN A 124 -22.58 3.28 -14.55
C ASN A 124 -21.55 2.89 -13.50
N VAL A 125 -20.72 3.82 -13.05
CA VAL A 125 -19.65 3.49 -12.10
C VAL A 125 -20.25 3.00 -10.79
N THR A 126 -21.48 3.42 -10.49
CA THR A 126 -22.17 2.90 -9.31
C THR A 126 -22.25 1.39 -9.35
N VAL A 127 -22.92 0.85 -10.36
CA VAL A 127 -23.09 -0.60 -10.46
C VAL A 127 -21.74 -1.28 -10.66
N ASP A 128 -20.83 -0.64 -11.41
CA ASP A 128 -19.54 -1.25 -11.67
C ASP A 128 -18.78 -1.49 -10.37
N VAL A 129 -18.65 -0.43 -9.54
CA VAL A 129 -17.92 -0.56 -8.29
C VAL A 129 -18.67 -1.47 -7.33
N ALA A 130 -20.00 -1.42 -7.31
CA ALA A 130 -20.76 -2.32 -6.45
C ALA A 130 -20.44 -3.78 -6.78
N SER A 131 -20.50 -4.14 -8.06
CA SER A 131 -20.21 -5.51 -8.46
C SER A 131 -18.75 -5.87 -8.16
N LEU A 132 -17.82 -4.95 -8.44
CA LEU A 132 -16.41 -5.27 -8.23
C LEU A 132 -16.09 -5.48 -6.76
N CYS A 133 -16.71 -4.70 -5.87
CA CYS A 133 -16.49 -4.91 -4.44
C CYS A 133 -17.22 -6.14 -3.93
N LEU A 134 -18.38 -6.46 -4.51
CA LEU A 134 -19.08 -7.67 -4.10
C LEU A 134 -18.29 -8.92 -4.47
N LYS A 135 -17.65 -8.91 -5.64
CA LYS A 135 -16.87 -10.07 -6.06
C LYS A 135 -15.72 -10.34 -5.11
N THR A 136 -15.02 -9.29 -4.68
CA THR A 136 -13.88 -9.41 -3.78
C THR A 136 -14.30 -9.64 -2.33
N GLY A 137 -15.55 -9.33 -1.97
CA GLY A 137 -15.98 -9.47 -0.59
C GLY A 137 -15.67 -8.26 0.26
N ASN A 138 -15.77 -7.07 -0.31
CA ASN A 138 -15.55 -5.82 0.41
C ASN A 138 -16.84 -5.02 0.46
N ALA A 139 -17.23 -4.61 1.66
CA ALA A 139 -18.35 -3.70 1.83
C ALA A 139 -17.96 -2.34 1.29
N VAL A 140 -18.88 -1.68 0.60
CA VAL A 140 -18.57 -0.45 -0.13
C VAL A 140 -19.52 0.66 0.29
N ILE A 141 -18.97 1.86 0.41
CA ILE A 141 -19.73 3.07 0.69
C ILE A 141 -19.55 4.01 -0.49
N LEU A 142 -20.66 4.34 -1.14
CA LEU A 142 -20.66 5.13 -2.37
C LEU A 142 -20.92 6.60 -2.03
N ARG A 143 -20.22 7.50 -2.71
CA ARG A 143 -20.54 8.92 -2.63
C ARG A 143 -21.18 9.33 -3.95
N GLY A 144 -22.50 9.16 -4.02
CA GLY A 144 -23.24 9.57 -5.20
C GLY A 144 -23.19 11.07 -5.43
N GLY A 145 -23.10 11.48 -6.69
CA GLY A 145 -23.06 12.89 -6.99
C GLY A 145 -24.40 13.57 -6.69
N LYS A 146 -24.32 14.87 -6.42
CA LYS A 146 -25.54 15.64 -6.18
C LYS A 146 -26.41 15.67 -7.43
N GLU A 147 -25.79 15.72 -8.61
CA GLU A 147 -26.55 15.83 -9.86
C GLU A 147 -27.48 14.65 -10.04
N THR A 148 -27.01 13.44 -9.78
CA THR A 148 -27.73 12.21 -10.06
C THR A 148 -28.09 11.45 -8.77
N CYS A 149 -28.52 12.19 -7.75
CA CYS A 149 -28.81 11.56 -6.46
C CYS A 149 -29.97 10.59 -6.56
N ARG A 150 -31.03 10.94 -7.29
CA ARG A 150 -32.21 10.08 -7.37
C ARG A 150 -31.89 8.76 -8.05
N THR A 151 -31.16 8.80 -9.17
CA THR A 151 -30.83 7.58 -9.88
C THR A 151 -29.95 6.68 -9.02
N ASN A 152 -28.95 7.25 -8.35
CA ASN A 152 -28.09 6.46 -7.50
C ASN A 152 -28.86 5.86 -6.33
N ALA A 153 -29.78 6.62 -5.75
CA ALA A 153 -30.59 6.10 -4.66
C ALA A 153 -31.46 4.93 -5.14
N ALA A 154 -32.07 5.07 -6.31
CA ALA A 154 -32.89 3.98 -6.84
C ALA A 154 -32.04 2.74 -7.11
N THR A 155 -30.85 2.93 -7.69
CA THR A 155 -29.99 1.79 -7.99
C THR A 155 -29.52 1.09 -6.73
N VAL A 156 -29.11 1.86 -5.70
CA VAL A 156 -28.66 1.23 -4.47
C VAL A 156 -29.82 0.54 -3.76
N ALA A 157 -31.02 1.11 -3.84
CA ALA A 157 -32.19 0.43 -3.28
C ALA A 157 -32.44 -0.89 -3.97
N VAL A 158 -32.33 -0.92 -5.30
CA VAL A 158 -32.54 -2.15 -6.04
C VAL A 158 -31.49 -3.19 -5.66
N ILE A 159 -30.23 -2.76 -5.57
CA ILE A 159 -29.16 -3.70 -5.22
C ILE A 159 -29.35 -4.24 -3.81
N GLN A 160 -29.76 -3.37 -2.87
CA GLN A 160 -30.01 -3.84 -1.52
C GLN A 160 -31.18 -4.80 -1.47
N ASP A 161 -32.21 -4.56 -2.29
CA ASP A 161 -33.31 -5.51 -2.39
C ASP A 161 -32.82 -6.86 -2.89
N ALA A 162 -31.94 -6.86 -3.90
CA ALA A 162 -31.37 -8.11 -4.38
C ALA A 162 -30.58 -8.81 -3.28
N LEU A 163 -29.79 -8.06 -2.52
CA LEU A 163 -29.00 -8.66 -1.45
C LEU A 163 -29.92 -9.28 -0.39
N LYS A 164 -30.99 -8.59 -0.03
CA LYS A 164 -31.96 -9.17 0.91
C LYS A 164 -32.60 -10.41 0.33
N SER A 165 -32.88 -10.42 -0.98
CA SER A 165 -33.44 -11.61 -1.61
C SER A 165 -32.49 -12.78 -1.51
N CYS A 166 -31.20 -12.54 -1.68
CA CYS A 166 -30.20 -13.59 -1.60
C CYS A 166 -29.76 -13.89 -0.17
N GLY A 167 -30.28 -13.17 0.82
CA GLY A 167 -29.99 -13.44 2.21
C GLY A 167 -28.73 -12.78 2.74
N LEU A 168 -27.98 -12.09 1.90
CA LEU A 168 -26.79 -11.40 2.37
C LEU A 168 -27.19 -10.18 3.21
N PRO A 169 -26.33 -9.74 4.13
CA PRO A 169 -26.67 -8.57 4.95
C PRO A 169 -26.88 -7.34 4.09
N ALA A 170 -27.86 -6.52 4.50
CA ALA A 170 -28.23 -5.35 3.70
C ALA A 170 -27.18 -4.26 3.74
N GLY A 171 -26.27 -4.29 4.70
CA GLY A 171 -25.28 -3.25 4.83
C GLY A 171 -24.06 -3.41 3.96
N ALA A 172 -24.02 -4.41 3.08
CA ALA A 172 -22.84 -4.64 2.26
C ALA A 172 -22.57 -3.46 1.34
N VAL A 173 -23.62 -2.90 0.73
CA VAL A 173 -23.49 -1.76 -0.17
C VAL A 173 -24.33 -0.64 0.41
N GLN A 174 -23.70 0.51 0.65
CA GLN A 174 -24.43 1.66 1.17
C GLN A 174 -24.08 2.90 0.36
N ALA A 175 -24.99 3.86 0.36
CA ALA A 175 -24.79 5.11 -0.36
C ALA A 175 -25.32 6.27 0.48
N ILE A 176 -24.64 7.41 0.39
CA ILE A 176 -25.03 8.61 1.12
C ILE A 176 -25.64 9.56 0.09
N ASP A 177 -26.98 9.59 0.04
CA ASP A 177 -27.67 10.43 -0.92
C ASP A 177 -27.57 11.92 -0.58
N ASN A 178 -27.37 12.25 0.68
CA ASN A 178 -27.34 13.66 1.09
C ASN A 178 -26.12 14.35 0.50
N PRO A 179 -26.29 15.49 -0.16
CA PRO A 179 -25.16 16.19 -0.78
C PRO A 179 -24.42 17.16 0.12
N ASP A 180 -24.61 17.10 1.43
CA ASP A 180 -23.95 18.03 2.34
C ASP A 180 -22.44 17.80 2.33
N ARG A 181 -21.70 18.91 2.32
CA ARG A 181 -20.24 18.82 2.32
C ARG A 181 -19.69 18.41 3.67
N ALA A 182 -20.41 18.74 4.75
CA ALA A 182 -19.98 18.31 6.08
C ALA A 182 -20.00 16.78 6.19
N LEU A 183 -21.01 16.14 5.58
CA LEU A 183 -21.02 14.69 5.53
C LEU A 183 -19.83 14.16 4.74
N VAL A 184 -19.44 14.88 3.68
CA VAL A 184 -18.26 14.49 2.91
C VAL A 184 -17.02 14.55 3.80
N SER A 185 -16.89 15.62 4.59
CA SER A 185 -15.76 15.71 5.51
C SER A 185 -15.78 14.59 6.54
N GLU A 186 -16.97 14.29 7.06
CA GLU A 186 -17.09 13.17 8.01
C GLU A 186 -16.61 11.87 7.39
N MET A 187 -17.05 11.57 6.17
CA MET A 187 -16.56 10.39 5.49
C MET A 187 -15.06 10.45 5.27
N LEU A 188 -14.53 11.66 5.04
CA LEU A 188 -13.09 11.83 4.91
C LEU A 188 -12.37 11.67 6.23
N ARG A 189 -13.11 11.60 7.34
CA ARG A 189 -12.50 11.51 8.66
C ARG A 189 -12.99 10.32 9.49
N MET A 190 -13.31 9.19 8.85
CA MET A 190 -13.52 7.94 9.59
C MET A 190 -12.34 7.00 9.35
N ASP A 191 -11.29 7.19 10.15
CA ASP A 191 -10.12 6.34 10.04
C ASP A 191 -10.37 4.96 10.62
N LYS A 192 -11.04 4.89 11.77
CA LYS A 192 -11.18 3.61 12.47
C LYS A 192 -12.08 2.65 11.70
N TYR A 193 -13.08 3.18 11.01
CA TYR A 193 -14.07 2.35 10.32
C TYR A 193 -13.68 2.03 8.88
N ILE A 194 -13.50 3.04 8.05
CA ILE A 194 -13.12 2.82 6.66
C ILE A 194 -11.63 2.52 6.58
N ASP A 195 -11.27 1.54 5.76
CA ASP A 195 -9.88 1.11 5.64
C ASP A 195 -9.21 1.57 4.36
N MET A 196 -9.96 2.09 3.38
CA MET A 196 -9.37 2.47 2.12
C MET A 196 -10.36 3.35 1.37
N LEU A 197 -9.84 4.37 0.69
CA LEU A 197 -10.67 5.38 0.04
C LEU A 197 -10.20 5.56 -1.40
N ILE A 198 -11.15 5.65 -2.31
CA ILE A 198 -10.89 5.85 -3.73
C ILE A 198 -11.56 7.15 -4.17
N PRO A 199 -10.79 8.23 -4.26
CA PRO A 199 -11.34 9.45 -4.85
C PRO A 199 -11.22 9.46 -6.36
N ARG A 200 -12.34 9.50 -7.06
CA ARG A 200 -12.33 9.47 -8.52
C ARG A 200 -12.55 10.86 -9.10
N LEU A 205 -10.98 18.00 -6.32
CA LEU A 205 -11.50 16.91 -5.49
C LEU A 205 -10.35 16.18 -4.80
N HIS A 206 -9.29 15.91 -5.56
CA HIS A 206 -8.13 15.22 -4.99
C HIS A 206 -7.46 16.08 -3.91
N LYS A 207 -7.43 17.40 -4.11
CA LYS A 207 -6.82 18.28 -3.12
C LYS A 207 -7.56 18.22 -1.79
N LEU A 208 -8.89 18.14 -1.84
CA LEU A 208 -9.68 18.10 -0.61
C LEU A 208 -9.30 16.90 0.25
N CYS A 209 -9.26 15.71 -0.35
CA CYS A 209 -8.89 14.53 0.42
C CYS A 209 -7.42 14.56 0.80
N ARG A 210 -6.57 15.13 -0.05
CA ARG A 210 -5.16 15.24 0.30
C ARG A 210 -4.98 16.07 1.57
N GLU A 211 -5.73 17.16 1.70
CA GLU A 211 -5.62 17.99 2.91
C GLU A 211 -6.30 17.32 4.11
N GLN A 212 -7.48 16.76 3.91
CA GLN A 212 -8.33 16.37 5.03
C GLN A 212 -8.28 14.90 5.41
N SER A 213 -8.08 13.99 4.45
CA SER A 213 -8.25 12.58 4.73
C SER A 213 -7.22 12.08 5.75
N THR A 214 -7.66 11.16 6.59
CA THR A 214 -6.78 10.41 7.47
C THR A 214 -6.73 8.92 7.12
N ILE A 215 -7.73 8.42 6.42
CA ILE A 215 -7.72 7.05 5.89
C ILE A 215 -6.68 6.99 4.79
N PRO A 216 -5.97 5.88 4.62
CA PRO A 216 -5.11 5.75 3.44
C PRO A 216 -5.91 5.95 2.17
N VAL A 217 -5.36 6.76 1.26
CA VAL A 217 -6.07 7.19 0.06
C VAL A 217 -5.28 6.71 -1.15
N ILE A 218 -5.96 6.03 -2.07
CA ILE A 218 -5.38 5.64 -3.35
C ILE A 218 -5.94 6.62 -4.37
N THR A 219 -5.13 7.61 -4.73
CA THR A 219 -5.59 8.69 -5.58
C THR A 219 -5.67 8.24 -7.04
N GLY A 220 -6.52 8.91 -7.79
CA GLY A 220 -6.60 8.71 -9.23
C GLY A 220 -5.73 9.72 -9.96
N GLY A 221 -5.91 10.99 -9.61
CA GLY A 221 -5.05 12.05 -10.11
C GLY A 221 -5.29 12.38 -11.57
N ILE A 222 -4.92 13.60 -11.93
CA ILE A 222 -4.97 14.02 -13.32
C ILE A 222 -3.80 13.40 -14.08
N GLY A 223 -3.98 13.26 -15.39
CA GLY A 223 -2.96 12.64 -16.20
C GLY A 223 -2.58 13.44 -17.44
N VAL A 224 -1.33 13.89 -17.49
CA VAL A 224 -0.76 14.50 -18.69
C VAL A 224 0.25 13.50 -19.25
N CYS A 225 -0.13 12.83 -20.32
CA CYS A 225 0.69 11.79 -20.92
C CYS A 225 1.53 12.38 -22.04
N HIS A 226 2.85 12.14 -21.98
CA HIS A 226 3.79 12.68 -22.95
C HIS A 226 4.24 11.59 -23.90
N ILE A 227 4.36 11.92 -25.17
CA ILE A 227 4.85 11.01 -26.20
C ILE A 227 6.10 11.63 -26.80
N TYR A 228 7.19 10.85 -26.81
CA TYR A 228 8.47 11.32 -27.30
C TYR A 228 8.73 10.71 -28.67
N VAL A 229 9.12 11.53 -29.63
CA VAL A 229 9.40 11.08 -30.98
C VAL A 229 10.89 11.19 -31.21
N ASP A 230 11.53 10.07 -31.52
CA ASP A 230 12.97 10.06 -31.74
C ASP A 230 13.30 10.47 -33.17
N GLU A 231 14.60 10.55 -33.47
CA GLU A 231 15.04 11.02 -34.77
C GLU A 231 14.85 9.96 -35.85
N SER A 232 14.96 8.69 -35.48
CA SER A 232 14.81 7.59 -36.43
C SER A 232 13.49 6.89 -36.17
N VAL A 233 12.49 7.16 -37.02
CA VAL A 233 11.18 6.54 -36.87
C VAL A 233 10.45 6.70 -38.19
N GLU A 234 9.52 5.78 -38.45
CA GLU A 234 8.69 5.87 -39.64
C GLU A 234 7.60 6.91 -39.45
N ILE A 235 7.44 7.79 -40.44
CA ILE A 235 6.53 8.91 -40.28
C ILE A 235 5.09 8.44 -40.24
N ALA A 236 4.70 7.56 -41.17
CA ALA A 236 3.30 7.19 -41.30
C ALA A 236 2.80 6.44 -40.06
N GLU A 237 3.59 5.48 -39.57
CA GLU A 237 3.17 4.72 -38.40
C GLU A 237 3.08 5.60 -37.16
N ALA A 238 4.05 6.51 -36.99
CA ALA A 238 3.99 7.42 -35.85
C ALA A 238 2.77 8.32 -35.94
N LEU A 239 2.45 8.80 -37.14
CA LEU A 239 1.27 9.63 -37.30
C LEU A 239 0.01 8.86 -36.96
N LYS A 240 -0.08 7.61 -37.41
CA LYS A 240 -1.26 6.80 -37.09
C LYS A 240 -1.38 6.57 -35.58
N VAL A 241 -0.25 6.30 -34.92
CA VAL A 241 -0.30 6.09 -33.47
C VAL A 241 -0.74 7.35 -32.76
N ILE A 242 -0.22 8.50 -33.18
CA ILE A 242 -0.60 9.77 -32.55
C ILE A 242 -2.08 10.04 -32.76
N VAL A 243 -2.58 9.82 -33.98
CA VAL A 243 -3.98 10.05 -34.27
C VAL A 243 -4.86 9.16 -33.41
N ASN A 244 -4.51 7.88 -33.28
CA ASN A 244 -5.26 6.99 -32.42
C ASN A 244 -5.21 7.44 -30.97
N ALA A 245 -4.06 7.94 -30.52
CA ALA A 245 -3.93 8.36 -29.13
C ALA A 245 -4.74 9.60 -28.82
N LYS A 246 -4.91 10.49 -29.79
CA LYS A 246 -5.60 11.75 -29.54
C LYS A 246 -7.04 11.76 -30.06
N THR A 247 -7.27 11.35 -31.30
CA THR A 247 -8.59 11.48 -31.90
C THR A 247 -9.62 10.62 -31.19
N GLN A 248 -9.25 9.40 -30.81
CA GLN A 248 -10.22 8.46 -30.24
C GLN A 248 -10.49 8.80 -28.78
N ARG A 249 -11.70 9.25 -28.49
CA ARG A 249 -12.17 9.57 -27.14
C ARG A 249 -11.23 10.50 -26.40
N PRO A 250 -11.17 11.78 -26.77
CA PRO A 250 -10.26 12.70 -26.08
C PRO A 250 -10.60 12.93 -24.62
N SER A 251 -11.83 12.63 -24.19
CA SER A 251 -12.24 12.91 -22.82
C SER A 251 -11.56 12.01 -21.81
N THR A 252 -11.01 10.87 -22.23
CA THR A 252 -10.38 9.95 -21.30
C THR A 252 -9.09 10.56 -20.76
N CYS A 253 -8.79 10.24 -19.50
CA CYS A 253 -7.66 10.84 -18.82
C CYS A 253 -6.31 10.35 -19.32
N ASN A 254 -6.27 9.25 -20.07
CA ASN A 254 -5.02 8.67 -20.53
C ASN A 254 -4.60 9.17 -21.92
N THR A 255 -5.36 10.07 -22.52
CA THR A 255 -5.01 10.58 -23.83
C THR A 255 -3.75 11.42 -23.76
N VAL A 256 -2.97 11.40 -24.85
CA VAL A 256 -1.75 12.19 -24.90
C VAL A 256 -2.08 13.67 -24.86
N GLU A 257 -1.21 14.44 -24.22
CA GLU A 257 -1.41 15.88 -24.16
C GLU A 257 -0.19 16.66 -24.62
N THR A 258 1.02 16.18 -24.35
CA THR A 258 2.24 16.84 -24.76
C THR A 258 3.01 15.92 -25.69
N LEU A 259 3.33 16.43 -26.87
CA LEU A 259 4.07 15.68 -27.88
C LEU A 259 5.46 16.26 -27.99
N LEU A 260 6.47 15.43 -27.73
CA LEU A 260 7.87 15.86 -27.78
C LEU A 260 8.49 15.36 -29.07
N VAL A 261 9.01 16.28 -29.87
CA VAL A 261 9.60 15.96 -31.17
C VAL A 261 11.08 16.25 -31.10
N ASN A 262 11.90 15.28 -31.50
CA ASN A 262 13.33 15.47 -31.51
C ASN A 262 13.72 16.55 -32.51
N LYS A 263 14.78 17.30 -32.16
CA LYS A 263 15.19 18.43 -33.00
C LYS A 263 15.61 17.97 -34.39
N ASN A 264 16.36 16.87 -34.47
CA ASN A 264 16.91 16.44 -35.75
C ASN A 264 15.80 16.07 -36.73
N ILE A 265 14.77 15.36 -36.27
CA ILE A 265 13.73 14.87 -37.17
C ILE A 265 12.58 15.85 -37.32
N ALA A 266 12.55 16.92 -36.52
CA ALA A 266 11.40 17.81 -36.51
C ALA A 266 11.17 18.45 -37.88
N ASP A 267 12.26 18.82 -38.57
CA ASP A 267 12.15 19.50 -39.85
C ASP A 267 11.30 18.71 -40.83
N SER A 268 11.45 17.38 -40.84
CA SER A 268 10.65 16.54 -41.72
C SER A 268 9.33 16.11 -41.10
N PHE A 269 9.29 15.95 -39.77
CA PHE A 269 8.10 15.42 -39.12
C PHE A 269 6.97 16.45 -39.08
N LEU A 270 7.30 17.71 -38.77
CA LEU A 270 6.26 18.70 -38.54
C LEU A 270 5.36 18.96 -39.75
N PRO A 271 5.86 19.07 -40.99
CA PRO A 271 4.91 19.28 -42.10
C PRO A 271 3.90 18.17 -42.28
N ALA A 272 4.34 16.91 -42.31
CA ALA A 272 3.40 15.80 -42.42
C ALA A 272 2.50 15.73 -41.19
N LEU A 273 3.04 16.03 -40.02
CA LEU A 273 2.22 16.08 -38.83
C LEU A 273 1.09 17.07 -38.97
N SER A 274 1.37 18.27 -39.48
CA SER A 274 0.33 19.26 -39.68
C SER A 274 -0.66 18.82 -40.76
N LYS A 275 -0.15 18.18 -41.81
CA LYS A 275 -1.03 17.73 -42.89
C LYS A 275 -2.06 16.73 -42.38
N GLN A 276 -1.62 15.75 -41.59
CA GLN A 276 -2.56 14.81 -41.00
C GLN A 276 -3.39 15.49 -39.90
N MET A 277 -2.80 16.46 -39.22
CA MET A 277 -3.41 17.07 -38.06
C MET A 277 -4.63 17.90 -38.45
N ALA A 278 -4.53 18.63 -39.57
CA ALA A 278 -5.68 19.40 -40.06
C ALA A 278 -6.85 18.50 -40.37
N GLU A 279 -6.56 17.33 -40.97
CA GLU A 279 -7.62 16.36 -41.21
C GLU A 279 -8.22 15.87 -39.90
N SER A 280 -7.38 15.62 -38.90
CA SER A 280 -7.93 15.25 -37.59
C SER A 280 -8.60 16.42 -36.89
N GLY A 281 -8.08 17.63 -37.05
CA GLY A 281 -8.76 18.80 -36.53
C GLY A 281 -8.46 19.16 -35.09
N VAL A 282 -7.27 18.88 -34.59
CA VAL A 282 -6.92 19.23 -33.22
C VAL A 282 -6.09 20.52 -33.23
N THR A 283 -6.44 21.45 -32.35
CA THR A 283 -5.67 22.68 -32.23
C THR A 283 -4.27 22.38 -31.69
N LEU A 284 -3.26 23.03 -32.27
CA LEU A 284 -1.87 22.79 -31.91
C LEU A 284 -1.35 23.98 -31.11
N HIS A 285 -1.21 23.79 -29.80
CA HIS A 285 -0.58 24.80 -28.93
C HIS A 285 0.92 24.57 -28.96
N ALA A 286 1.56 25.13 -29.97
CA ALA A 286 2.94 24.81 -30.28
C ALA A 286 3.90 25.81 -29.63
N ASP A 287 5.16 25.37 -29.49
CA ASP A 287 6.21 26.22 -28.95
C ASP A 287 6.67 27.20 -30.02
N ALA A 288 7.67 28.03 -29.67
CA ALA A 288 8.12 29.09 -30.56
C ALA A 288 8.72 28.51 -31.84
N ALA A 289 9.67 27.58 -31.71
CA ALA A 289 10.24 26.95 -32.90
C ALA A 289 9.18 26.13 -33.62
N ALA A 290 8.34 25.43 -32.87
CA ALA A 290 7.24 24.69 -33.48
C ALA A 290 6.27 25.63 -34.18
N LEU A 291 6.02 26.81 -33.60
CA LEU A 291 5.21 27.81 -34.28
C LEU A 291 5.85 28.23 -35.60
N ALA A 292 7.15 28.49 -35.59
CA ALA A 292 7.84 28.92 -36.80
C ALA A 292 7.75 27.85 -37.88
N GLN A 293 7.90 26.59 -37.50
CA GLN A 293 7.84 25.52 -38.50
C GLN A 293 6.42 25.26 -38.97
N LEU A 294 5.42 25.38 -38.10
CA LEU A 294 4.06 25.00 -38.42
C LEU A 294 3.21 26.17 -38.92
N GLN A 295 3.76 27.38 -39.01
CA GLN A 295 2.98 28.51 -39.50
C GLN A 295 2.48 28.24 -40.92
N ALA A 296 3.30 27.62 -41.77
CA ALA A 296 2.87 27.31 -43.12
C ALA A 296 1.89 26.14 -43.18
N GLY A 297 1.80 25.36 -42.11
CA GLY A 297 0.94 24.19 -42.10
C GLY A 297 -0.53 24.53 -42.17
N PRO A 298 -1.31 23.70 -42.86
CA PRO A 298 -2.76 23.94 -42.94
C PRO A 298 -3.47 23.88 -41.60
N ALA A 299 -3.01 23.06 -40.67
CA ALA A 299 -3.67 22.93 -39.38
C ALA A 299 -3.52 24.22 -38.57
N LYS A 300 -4.59 24.63 -37.91
CA LYS A 300 -4.55 25.82 -37.06
C LYS A 300 -3.59 25.58 -35.91
N VAL A 301 -2.77 26.57 -35.61
CA VAL A 301 -1.73 26.45 -34.60
C VAL A 301 -1.57 27.80 -33.91
N VAL A 302 -1.39 27.78 -32.59
CA VAL A 302 -1.25 28.97 -31.79
C VAL A 302 -0.06 28.80 -30.85
N ALA A 303 0.27 29.88 -30.14
CA ALA A 303 1.33 29.84 -29.16
C ALA A 303 0.88 29.10 -27.91
N VAL A 304 1.84 28.56 -27.17
CA VAL A 304 1.59 27.78 -25.97
C VAL A 304 2.04 28.58 -24.76
N LYS A 305 1.25 28.54 -23.69
CA LYS A 305 1.61 29.20 -22.45
C LYS A 305 2.30 28.23 -21.50
N ALA A 306 2.95 28.79 -20.48
CA ALA A 306 3.71 27.97 -19.53
C ALA A 306 2.80 27.02 -18.77
N GLU A 307 1.62 27.50 -18.34
CA GLU A 307 0.74 26.66 -17.53
C GLU A 307 0.07 25.57 -18.34
N GLU A 308 0.08 25.66 -19.68
CA GLU A 308 -0.59 24.65 -20.48
C GLU A 308 0.11 23.30 -20.41
N TYR A 309 1.42 23.29 -20.15
CA TYR A 309 2.15 22.03 -20.11
C TYR A 309 1.76 21.17 -18.92
N ASP A 310 1.31 21.79 -17.82
CA ASP A 310 1.00 21.09 -16.59
C ASP A 310 -0.49 20.84 -16.40
N ASP A 311 -1.30 21.09 -17.43
CA ASP A 311 -2.74 20.91 -17.35
C ASP A 311 -3.21 20.11 -18.56
N GLU A 312 -4.22 19.27 -18.33
CA GLU A 312 -4.80 18.44 -19.36
C GLU A 312 -5.97 19.18 -20.02
N PHE A 313 -5.98 19.22 -21.35
CA PHE A 313 -7.02 19.93 -22.07
C PHE A 313 -8.35 19.19 -22.03
N LEU A 314 -8.31 17.86 -22.10
CA LEU A 314 -9.52 17.03 -22.18
C LEU A 314 -10.37 17.40 -23.38
N SER A 315 -9.73 17.86 -24.46
CA SER A 315 -10.44 18.28 -25.66
C SER A 315 -9.53 18.02 -26.86
N LEU A 316 -9.86 18.64 -27.98
CA LEU A 316 -9.10 18.46 -29.22
C LEU A 316 -7.96 19.47 -29.31
N ASP A 317 -7.10 19.44 -28.28
CA ASP A 317 -5.94 20.31 -28.20
C ASP A 317 -4.69 19.49 -27.96
N LEU A 318 -3.54 20.02 -28.38
CA LEU A 318 -2.26 19.33 -28.23
C LEU A 318 -1.15 20.35 -28.06
N ASN A 319 -0.07 19.92 -27.42
CA ASN A 319 1.11 20.75 -27.22
C ASN A 319 2.28 20.16 -27.99
N VAL A 320 2.98 21.01 -28.72
CA VAL A 320 4.14 20.60 -29.51
C VAL A 320 5.36 21.30 -28.95
N LYS A 321 6.36 20.52 -28.55
CA LYS A 321 7.60 21.06 -28.03
C LYS A 321 8.77 20.32 -28.66
N ILE A 322 9.85 21.06 -28.93
CA ILE A 322 11.05 20.51 -29.56
C ILE A 322 12.12 20.38 -28.50
N VAL A 323 12.72 19.20 -28.41
CA VAL A 323 13.77 18.93 -27.43
C VAL A 323 15.07 18.62 -28.17
N SER A 324 16.18 18.81 -27.46
CA SER A 324 17.50 18.61 -28.07
C SER A 324 17.78 17.13 -28.27
N ASP A 325 17.48 16.30 -27.28
CA ASP A 325 17.83 14.89 -27.34
C ASP A 325 16.98 14.14 -26.33
N LEU A 326 17.32 12.86 -26.11
CA LEU A 326 16.55 12.04 -25.18
C LEU A 326 16.67 12.56 -23.74
N ASP A 327 17.85 13.06 -23.35
CA ASP A 327 18.02 13.54 -21.98
C ASP A 327 17.12 14.74 -21.70
N ASP A 328 16.99 15.65 -22.67
CA ASP A 328 16.10 16.78 -22.50
C ASP A 328 14.65 16.33 -22.33
N ALA A 329 14.22 15.35 -23.15
CA ALA A 329 12.87 14.84 -23.03
C ALA A 329 12.65 14.19 -21.67
N ILE A 330 13.63 13.43 -21.19
CA ILE A 330 13.50 12.78 -19.89
C ILE A 330 13.40 13.82 -18.78
N ALA A 331 14.23 14.87 -18.86
CA ALA A 331 14.17 15.92 -17.85
C ALA A 331 12.82 16.62 -17.87
N HIS A 332 12.30 16.92 -19.06
CA HIS A 332 11.00 17.56 -19.16
C HIS A 332 9.90 16.69 -18.59
N ILE A 333 9.93 15.39 -18.91
CA ILE A 333 8.92 14.48 -18.39
C ILE A 333 9.00 14.40 -16.87
N ARG A 334 10.22 14.34 -16.33
CA ARG A 334 10.37 14.30 -14.88
C ARG A 334 9.84 15.57 -14.23
N GLU A 335 10.10 16.73 -14.85
CA GLU A 335 9.71 17.99 -14.23
C GLU A 335 8.20 18.21 -14.30
N HIS A 336 7.59 17.95 -15.45
CA HIS A 336 6.19 18.30 -15.66
C HIS A 336 5.23 17.13 -15.66
N GLY A 337 5.71 15.91 -15.85
CA GLY A 337 4.83 14.77 -15.96
C GLY A 337 4.12 14.46 -14.65
N THR A 338 2.91 13.93 -14.76
CA THR A 338 2.13 13.49 -13.62
C THR A 338 2.30 12.00 -13.36
N GLN A 339 3.22 11.34 -14.08
CA GLN A 339 3.53 9.93 -13.88
C GLN A 339 2.30 9.05 -14.12
N HIS A 340 1.63 9.28 -15.25
CA HIS A 340 0.47 8.49 -15.63
C HIS A 340 0.77 7.55 -16.78
N SER A 341 1.29 8.07 -17.89
CA SER A 341 1.62 7.24 -19.04
C SER A 341 2.62 8.00 -19.91
N ASP A 342 3.58 7.28 -20.46
CA ASP A 342 4.58 7.88 -21.32
C ASP A 342 5.04 6.86 -22.34
N ALA A 343 5.05 7.26 -23.60
CA ALA A 343 5.39 6.36 -24.69
C ALA A 343 6.46 7.01 -25.58
N ILE A 344 7.28 6.15 -26.19
CA ILE A 344 8.35 6.60 -27.06
C ILE A 344 8.22 5.87 -28.40
N LEU A 345 8.29 6.61 -29.49
CA LEU A 345 8.27 6.04 -30.83
C LEU A 345 9.68 6.16 -31.38
N THR A 346 10.33 5.03 -31.63
CA THR A 346 11.71 5.03 -32.06
C THR A 346 12.05 3.74 -32.78
N ARG A 347 13.18 3.76 -33.47
CA ARG A 347 13.71 2.58 -34.15
C ARG A 347 15.12 2.24 -33.68
N ASP A 348 15.51 2.72 -32.49
CA ASP A 348 16.81 2.44 -31.91
C ASP A 348 16.62 1.63 -30.63
N MET A 349 17.39 0.56 -30.48
CA MET A 349 17.24 -0.29 -29.32
C MET A 349 17.77 0.39 -28.06
N ARG A 350 18.94 1.02 -28.15
CA ARG A 350 19.55 1.63 -26.98
C ARG A 350 18.69 2.77 -26.43
N ASN A 351 18.12 3.59 -27.32
CA ASN A 351 17.25 4.67 -26.88
C ASN A 351 16.03 4.12 -26.17
N ALA A 352 15.44 3.05 -26.70
CA ALA A 352 14.29 2.45 -26.05
C ALA A 352 14.65 1.91 -24.67
N GLN A 353 15.80 1.26 -24.55
CA GLN A 353 16.22 0.74 -23.26
C GLN A 353 16.42 1.87 -22.26
N ARG A 354 17.08 2.95 -22.69
CA ARG A 354 17.30 4.08 -21.80
C ARG A 354 15.98 4.70 -21.36
N PHE A 355 15.05 4.87 -22.30
CA PHE A 355 13.76 5.46 -21.95
C PHE A 355 13.01 4.58 -20.96
N VAL A 356 13.03 3.26 -21.17
CA VAL A 356 12.32 2.38 -20.26
C VAL A 356 12.95 2.41 -18.88
N ASN A 357 14.29 2.45 -18.81
CA ASN A 357 14.94 2.39 -17.51
C ASN A 357 14.83 3.70 -16.75
N GLU A 358 14.94 4.84 -17.43
CA GLU A 358 15.08 6.13 -16.78
C GLU A 358 13.77 6.85 -16.53
N VAL A 359 12.65 6.29 -16.96
CA VAL A 359 11.34 6.90 -16.78
C VAL A 359 10.62 6.15 -15.67
N ASP A 360 9.98 6.89 -14.77
CA ASP A 360 9.32 6.32 -13.60
C ASP A 360 7.83 6.66 -13.69
N SER A 361 7.22 6.40 -14.84
CA SER A 361 5.79 6.56 -14.98
C SER A 361 5.08 5.29 -14.56
N SER A 362 3.76 5.36 -14.46
CA SER A 362 2.98 4.20 -14.09
C SER A 362 2.87 3.18 -15.23
N ALA A 363 3.17 3.60 -16.46
CA ALA A 363 3.13 2.70 -17.61
C ALA A 363 3.98 3.30 -18.72
N VAL A 364 4.91 2.52 -19.24
CA VAL A 364 5.83 2.97 -20.27
C VAL A 364 5.65 2.08 -21.50
N TYR A 365 5.43 2.70 -22.66
CA TYR A 365 5.23 1.99 -23.90
C TYR A 365 6.36 2.30 -24.87
N VAL A 366 6.68 1.33 -25.71
CA VAL A 366 7.68 1.49 -26.76
C VAL A 366 6.99 1.21 -28.09
N ASN A 367 6.92 2.22 -28.94
CA ASN A 367 6.23 2.12 -30.22
C ASN A 367 4.80 1.63 -30.04
N ALA A 368 4.06 2.31 -29.16
CA ALA A 368 2.67 1.98 -28.91
C ALA A 368 1.94 3.22 -28.44
N SER A 369 0.62 3.19 -28.56
CA SER A 369 -0.20 4.31 -28.14
C SER A 369 -0.32 4.34 -26.61
N THR A 370 -0.74 5.49 -26.10
CA THR A 370 -0.97 5.65 -24.68
C THR A 370 -2.40 5.34 -24.26
N ARG A 371 -3.24 4.91 -25.19
CA ARG A 371 -4.62 4.59 -24.88
C ARG A 371 -4.80 3.20 -24.29
N PHE A 372 -3.72 2.44 -24.15
CA PHE A 372 -3.83 1.10 -23.60
C PHE A 372 -3.81 1.06 -22.09
N THR A 373 -3.65 2.20 -21.43
CA THR A 373 -3.66 2.23 -19.97
C THR A 373 -5.08 2.07 -19.44
N ASP A 374 -5.66 0.89 -19.63
CA ASP A 374 -7.03 0.62 -19.21
C ASP A 374 -7.10 -0.76 -18.57
N GLY A 375 -8.08 -0.95 -17.71
CA GLY A 375 -8.24 -2.24 -17.05
C GLY A 375 -8.58 -3.35 -18.02
N GLY A 376 -9.48 -3.09 -18.95
CA GLY A 376 -9.87 -4.12 -19.90
C GLY A 376 -8.74 -4.50 -20.84
N GLN A 377 -7.98 -3.51 -21.32
CA GLN A 377 -6.89 -3.81 -22.25
C GLN A 377 -5.80 -4.62 -21.58
N PHE A 378 -5.49 -4.32 -20.31
CA PHE A 378 -4.45 -5.04 -19.61
C PHE A 378 -4.85 -6.45 -19.20
N GLY A 379 -6.06 -6.88 -19.53
CA GLY A 379 -6.50 -8.22 -19.18
C GLY A 379 -6.93 -8.40 -17.75
N LEU A 380 -7.21 -7.32 -17.03
CA LEU A 380 -7.65 -7.42 -15.64
C LEU A 380 -9.16 -7.54 -15.50
N GLY A 381 -9.89 -7.59 -16.60
CA GLY A 381 -11.34 -7.73 -16.53
C GLY A 381 -12.04 -6.40 -16.35
N ALA A 382 -11.88 -5.80 -15.18
CA ALA A 382 -12.49 -4.51 -14.90
C ALA A 382 -11.59 -3.75 -13.92
N GLU A 383 -11.75 -2.43 -13.91
CA GLU A 383 -10.94 -1.56 -13.08
C GLU A 383 -11.83 -0.57 -12.34
N VAL A 384 -11.39 -0.17 -11.15
CA VAL A 384 -12.12 0.85 -10.40
C VAL A 384 -11.57 2.24 -10.70
N ALA A 385 -10.27 2.34 -10.95
CA ALA A 385 -9.60 3.60 -11.20
C ALA A 385 -8.17 3.30 -11.64
N VAL A 386 -7.44 4.36 -11.97
CA VAL A 386 -6.03 4.26 -12.29
C VAL A 386 -5.27 5.05 -11.24
N SER A 387 -4.35 4.37 -10.54
CA SER A 387 -3.60 4.97 -9.45
C SER A 387 -2.26 5.46 -9.97
N THR A 388 -1.93 6.71 -9.64
CA THR A 388 -0.67 7.30 -10.04
C THR A 388 0.33 7.41 -8.89
N GLN A 389 -0.02 6.91 -7.71
CA GLN A 389 0.88 6.96 -6.57
C GLN A 389 1.86 5.79 -6.66
N LYS A 390 2.74 5.66 -5.67
CA LYS A 390 3.72 4.59 -5.64
C LYS A 390 3.44 3.52 -4.58
N LEU A 391 2.35 3.65 -3.82
CA LEU A 391 2.03 2.72 -2.76
C LEU A 391 0.88 1.81 -3.18
N HIS A 392 0.92 0.57 -2.70
CA HIS A 392 -0.10 -0.44 -2.96
C HIS A 392 -0.20 -0.65 -4.47
N ALA A 393 -1.37 -0.55 -5.08
CA ALA A 393 -1.50 -0.78 -6.50
C ALA A 393 -1.04 0.44 -7.29
N ARG A 394 -0.59 0.18 -8.52
CA ARG A 394 -0.17 1.22 -9.43
C ARG A 394 -0.74 0.93 -10.81
N GLY A 395 -1.05 1.98 -11.56
CA GLY A 395 -1.72 1.83 -12.82
C GLY A 395 -3.14 1.35 -12.64
N PRO A 396 -3.66 0.62 -13.62
CA PRO A 396 -5.02 0.07 -13.48
C PRO A 396 -5.09 -0.88 -12.30
N MET A 397 -6.22 -0.84 -11.60
CA MET A 397 -6.42 -1.64 -10.39
C MET A 397 -7.52 -2.66 -10.66
N GLY A 398 -7.14 -3.93 -10.66
CA GLY A 398 -8.08 -5.02 -10.87
C GLY A 398 -8.58 -5.60 -9.56
N LEU A 399 -8.94 -6.88 -9.62
CA LEU A 399 -9.41 -7.57 -8.42
C LEU A 399 -8.33 -7.64 -7.36
N GLU A 400 -7.12 -8.07 -7.75
CA GLU A 400 -6.07 -8.30 -6.77
C GLU A 400 -5.64 -7.00 -6.09
N ALA A 401 -5.96 -5.86 -6.69
CA ALA A 401 -5.63 -4.58 -6.07
C ALA A 401 -6.50 -4.26 -4.87
N LEU A 402 -7.61 -4.98 -4.69
CA LEU A 402 -8.51 -4.76 -3.57
C LEU A 402 -8.35 -5.80 -2.48
N THR A 403 -7.26 -6.57 -2.49
CA THR A 403 -7.02 -7.61 -1.52
C THR A 403 -5.66 -7.42 -0.88
N THR A 404 -5.58 -7.63 0.43
CA THR A 404 -4.31 -7.60 1.12
C THR A 404 -3.90 -9.03 1.42
N TYR A 405 -2.80 -9.21 2.14
CA TYR A 405 -2.33 -10.56 2.45
C TYR A 405 -1.99 -10.66 3.93
N LYS A 406 -2.07 -11.87 4.45
CA LYS A 406 -1.69 -12.13 5.83
C LYS A 406 -0.86 -13.40 5.91
N TRP A 407 0.02 -13.44 6.90
CA TRP A 407 0.91 -14.57 7.13
C TRP A 407 0.23 -15.58 8.03
N ILE A 408 0.35 -16.85 7.68
CA ILE A 408 -0.15 -17.95 8.50
C ILE A 408 1.01 -18.90 8.77
N GLY A 409 1.25 -19.19 10.04
CA GLY A 409 2.30 -20.10 10.42
C GLY A 409 1.80 -21.28 11.22
N ILE A 410 2.15 -22.49 10.78
CA ILE A 410 1.71 -23.73 11.42
C ILE A 410 2.94 -24.45 11.95
N GLY A 411 2.85 -24.94 13.18
CA GLY A 411 3.94 -25.67 13.78
C GLY A 411 3.47 -26.71 14.77
N ASP A 412 4.39 -27.25 15.58
CA ASP A 412 4.04 -28.19 16.65
C ASP A 412 4.70 -27.69 17.93
N TYR A 413 4.02 -26.76 18.61
CA TYR A 413 4.52 -26.18 19.86
C TYR A 413 5.95 -25.66 19.71
N THR A 414 6.22 -25.05 18.56
CA THR A 414 7.56 -24.55 18.28
C THR A 414 7.84 -23.29 19.09
N ILE A 415 9.09 -23.16 19.54
CA ILE A 415 9.52 -22.00 20.32
C ILE A 415 10.77 -21.43 19.67
N ARG A 416 10.81 -20.11 19.54
CA ARG A 416 11.96 -19.45 18.95
C ARG A 416 13.18 -19.59 19.85
N ALA A 417 14.32 -19.91 19.25
CA ALA A 417 15.55 -20.08 19.99
C ALA A 417 16.53 -18.95 19.70
N LEU B 2 16.04 21.76 5.96
CA LEU B 2 15.87 20.37 5.56
C LEU B 2 15.68 20.26 4.06
N GLU B 3 15.45 21.40 3.40
CA GLU B 3 15.23 21.40 1.97
C GLU B 3 16.47 20.92 1.21
N GLN B 4 17.65 21.39 1.62
CA GLN B 4 18.88 20.90 1.00
C GLN B 4 19.07 19.42 1.29
N MET B 5 18.70 18.97 2.48
CA MET B 5 18.75 17.54 2.79
C MET B 5 17.88 16.74 1.83
N GLY B 6 16.66 17.21 1.61
CA GLY B 6 15.76 16.51 0.71
C GLY B 6 16.22 16.53 -0.73
N ILE B 7 16.76 17.66 -1.19
CA ILE B 7 17.22 17.73 -2.58
C ILE B 7 18.42 16.83 -2.78
N ALA B 8 19.32 16.76 -1.79
CA ALA B 8 20.42 15.82 -1.86
C ALA B 8 19.90 14.38 -1.88
N ALA B 9 18.88 14.10 -1.08
CA ALA B 9 18.29 12.76 -1.08
C ALA B 9 17.73 12.40 -2.44
N LYS B 10 17.02 13.33 -3.08
CA LYS B 10 16.44 13.05 -4.39
C LYS B 10 17.53 12.84 -5.44
N GLN B 11 18.55 13.71 -5.44
CA GLN B 11 19.63 13.58 -6.42
C GLN B 11 20.36 12.26 -6.25
N ALA B 12 20.60 11.86 -5.00
CA ALA B 12 21.23 10.56 -4.77
C ALA B 12 20.31 9.41 -5.14
N SER B 13 19.00 9.59 -4.94
CA SER B 13 18.05 8.51 -5.20
C SER B 13 17.99 8.19 -6.69
N TYR B 14 18.05 9.22 -7.54
CA TYR B 14 18.06 8.95 -8.98
C TYR B 14 19.23 8.04 -9.36
N LYS B 15 20.44 8.41 -8.94
CA LYS B 15 21.62 7.62 -9.28
C LYS B 15 21.55 6.24 -8.66
N LEU B 16 21.05 6.14 -7.42
CA LEU B 16 20.93 4.83 -6.77
C LEU B 16 19.97 3.93 -7.54
N ALA B 17 18.85 4.48 -7.99
CA ALA B 17 17.93 3.68 -8.80
C ALA B 17 18.56 3.30 -10.13
N GLN B 18 19.50 4.09 -10.62
CA GLN B 18 20.19 3.75 -11.86
C GLN B 18 21.41 2.87 -11.65
N LEU B 19 21.69 2.43 -10.42
CA LEU B 19 22.87 1.64 -10.15
C LEU B 19 22.61 0.17 -10.48
N SER B 20 23.62 -0.65 -10.21
CA SER B 20 23.59 -2.09 -10.45
C SER B 20 23.78 -2.85 -9.14
N SER B 21 23.64 -4.17 -9.21
CA SER B 21 23.69 -4.98 -8.00
C SER B 21 25.11 -5.14 -7.47
N ARG B 22 26.10 -5.22 -8.36
CA ARG B 22 27.48 -5.44 -7.91
C ARG B 22 27.98 -4.29 -7.05
N GLU B 23 27.67 -3.06 -7.45
CA GLU B 23 28.11 -1.90 -6.67
C GLU B 23 27.45 -1.88 -5.29
N LYS B 24 26.15 -2.19 -5.22
CA LYS B 24 25.48 -2.24 -3.94
C LYS B 24 26.06 -3.32 -3.04
N ASN B 25 26.35 -4.49 -3.61
CA ASN B 25 26.97 -5.55 -2.82
C ASN B 25 28.34 -5.13 -2.31
N ARG B 26 29.12 -4.46 -3.15
CA ARG B 26 30.43 -3.97 -2.72
C ARG B 26 30.29 -3.00 -1.57
N VAL B 27 29.33 -2.07 -1.65
CA VAL B 27 29.12 -1.10 -0.59
C VAL B 27 28.73 -1.81 0.71
N LEU B 28 27.82 -2.78 0.63
CA LEU B 28 27.39 -3.48 1.83
C LEU B 28 28.54 -4.26 2.46
N GLU B 29 29.36 -4.93 1.64
CA GLU B 29 30.47 -5.69 2.18
C GLU B 29 31.48 -4.77 2.84
N LYS B 30 31.78 -3.62 2.23
CA LYS B 30 32.69 -2.68 2.86
C LYS B 30 32.11 -2.13 4.16
N ILE B 31 30.80 -1.90 4.18
CA ILE B 31 30.15 -1.42 5.41
C ILE B 31 30.30 -2.44 6.52
N ALA B 32 30.06 -3.72 6.22
CA ALA B 32 30.20 -4.75 7.23
C ALA B 32 31.63 -4.86 7.72
N ASP B 33 32.60 -4.81 6.80
CA ASP B 33 34.00 -4.89 7.20
C ASP B 33 34.39 -3.72 8.09
N GLU B 34 33.96 -2.51 7.74
CA GLU B 34 34.26 -1.34 8.56
C GLU B 34 33.61 -1.43 9.92
N LEU B 35 32.37 -1.93 9.97
CA LEU B 35 31.69 -2.09 11.25
C LEU B 35 32.43 -3.07 12.15
N GLU B 36 32.90 -4.17 11.58
CA GLU B 36 33.71 -5.11 12.36
C GLU B 36 35.02 -4.47 12.81
N ALA B 37 35.65 -3.69 11.92
CA ALA B 37 36.94 -3.09 12.26
C ALA B 37 36.79 -2.04 13.37
N GLN B 38 35.72 -1.25 13.33
CA GLN B 38 35.53 -0.16 14.29
C GLN B 38 34.64 -0.54 15.45
N SER B 39 34.72 -1.80 15.91
CA SER B 39 33.84 -2.26 16.96
C SER B 39 34.09 -1.53 18.28
N GLU B 40 35.35 -1.15 18.53
CA GLU B 40 35.70 -0.58 19.83
C GLU B 40 34.99 0.75 20.07
N ILE B 41 34.96 1.62 19.07
CA ILE B 41 34.33 2.93 19.23
C ILE B 41 32.83 2.78 19.49
N ILE B 42 32.19 1.91 18.70
CA ILE B 42 30.75 1.68 18.86
C ILE B 42 30.45 1.11 20.24
N LEU B 43 31.26 0.13 20.68
CA LEU B 43 31.05 -0.47 21.99
C LEU B 43 31.22 0.55 23.10
N ASN B 44 32.24 1.40 23.01
CA ASN B 44 32.45 2.42 24.03
C ASN B 44 31.30 3.42 24.06
N ALA B 45 30.86 3.86 22.89
CA ALA B 45 29.75 4.81 22.84
C ALA B 45 28.47 4.21 23.41
N ASN B 46 28.19 2.95 23.05
CA ASN B 46 26.99 2.29 23.58
C ASN B 46 27.08 2.11 25.08
N ALA B 47 28.25 1.73 25.59
CA ALA B 47 28.41 1.57 27.04
C ALA B 47 28.20 2.89 27.76
N GLN B 48 28.76 3.98 27.24
CA GLN B 48 28.56 5.28 27.85
C GLN B 48 27.09 5.68 27.83
N ASP B 49 26.41 5.43 26.70
CA ASP B 49 25.00 5.76 26.59
C ASP B 49 24.16 4.96 27.56
N VAL B 50 24.47 3.66 27.70
CA VAL B 50 23.73 2.81 28.63
C VAL B 50 23.94 3.28 30.06
N ALA B 51 25.18 3.64 30.41
CA ALA B 51 25.45 4.16 31.75
C ALA B 51 24.68 5.44 32.01
N ASP B 52 24.67 6.35 31.02
CA ASP B 52 23.93 7.61 31.20
C ASP B 52 22.43 7.36 31.35
N ALA B 53 21.87 6.45 30.53
CA ALA B 53 20.45 6.15 30.64
C ALA B 53 20.10 5.51 31.97
N ARG B 54 20.94 4.58 32.44
CA ARG B 54 20.72 3.99 33.76
C ARG B 54 20.83 5.04 34.85
N ALA B 55 21.69 6.04 34.67
CA ALA B 55 21.77 7.14 35.63
C ALA B 55 20.45 7.92 35.69
N ASN B 56 19.62 7.83 34.66
CA ASN B 56 18.31 8.45 34.66
C ASN B 56 17.20 7.47 35.03
N GLY B 57 17.53 6.36 35.68
CA GLY B 57 16.54 5.40 36.11
C GLY B 57 15.81 4.69 34.99
N LEU B 58 16.53 4.27 33.96
CA LEU B 58 15.91 3.55 32.85
C LEU B 58 15.49 2.16 33.28
N SER B 59 14.44 1.65 32.64
CA SER B 59 13.93 0.32 32.94
C SER B 59 14.93 -0.75 32.54
N GLU B 60 14.87 -1.90 33.23
CA GLU B 60 15.77 -2.99 32.93
C GLU B 60 15.56 -3.52 31.51
N ALA B 61 14.30 -3.67 31.10
CA ALA B 61 14.03 -4.05 29.71
C ALA B 61 14.45 -2.94 28.76
N MET B 62 14.22 -1.68 29.14
CA MET B 62 14.66 -0.56 28.31
C MET B 62 16.19 -0.54 28.19
N LEU B 63 16.89 -0.79 29.30
CA LEU B 63 18.34 -0.86 29.24
C LEU B 63 18.81 -2.01 28.36
N ASP B 64 18.14 -3.16 28.47
CA ASP B 64 18.50 -4.31 27.64
C ASP B 64 18.32 -4.00 26.17
N ARG B 65 17.23 -3.30 25.83
CA ARG B 65 17.05 -2.84 24.45
C ARG B 65 18.17 -1.88 24.04
N LEU B 66 18.54 -0.96 24.94
CA LEU B 66 19.62 -0.04 24.63
C LEU B 66 20.99 -0.71 24.67
N ALA B 67 21.14 -1.76 25.48
CA ALA B 67 22.44 -2.40 25.63
C ALA B 67 22.87 -3.08 24.34
N LEU B 68 24.17 -2.99 24.04
CA LEU B 68 24.76 -3.64 22.88
C LEU B 68 26.04 -4.33 23.31
N THR B 69 26.13 -5.62 23.06
CA THR B 69 27.28 -6.44 23.40
C THR B 69 28.11 -6.74 22.15
N PRO B 70 29.35 -7.19 22.33
CA PRO B 70 30.12 -7.63 21.15
C PRO B 70 29.40 -8.72 20.36
N ALA B 71 28.68 -9.61 21.05
CA ALA B 71 27.89 -10.61 20.35
C ALA B 71 26.81 -9.95 19.49
N ARG B 72 26.16 -8.91 20.01
CA ARG B 72 25.16 -8.21 19.22
C ARG B 72 25.77 -7.49 18.03
N LEU B 73 26.96 -6.92 18.20
CA LEU B 73 27.64 -6.29 17.08
C LEU B 73 27.99 -7.31 16.00
N LYS B 74 28.48 -8.47 16.41
CA LYS B 74 28.74 -9.54 15.45
C LYS B 74 27.44 -9.98 14.78
N GLY B 75 26.35 -10.01 15.52
CA GLY B 75 25.07 -10.38 14.94
C GLY B 75 24.59 -9.40 13.89
N ILE B 76 24.74 -8.09 14.16
CA ILE B 76 24.32 -7.12 13.16
C ILE B 76 25.25 -7.16 11.94
N ALA B 77 26.55 -7.42 12.16
CA ALA B 77 27.45 -7.60 11.02
C ALA B 77 27.03 -8.80 10.18
N ASP B 78 26.68 -9.90 10.84
CA ASP B 78 26.21 -11.08 10.12
C ASP B 78 24.91 -10.82 9.38
N ASP B 79 24.01 -10.03 9.98
CA ASP B 79 22.77 -9.67 9.31
C ASP B 79 23.04 -8.82 8.07
N VAL B 80 23.99 -7.89 8.17
CA VAL B 80 24.37 -7.09 7.01
C VAL B 80 24.92 -7.99 5.91
N ARG B 81 25.78 -8.93 6.27
CA ARG B 81 26.33 -9.85 5.27
C ARG B 81 25.23 -10.70 4.65
N GLN B 82 24.29 -11.18 5.46
CA GLN B 82 23.21 -12.02 4.94
C GLN B 82 22.31 -11.23 4.01
N VAL B 83 22.08 -9.95 4.31
CA VAL B 83 21.36 -9.07 3.39
C VAL B 83 22.15 -8.92 2.09
N CYS B 84 23.47 -8.76 2.20
CA CYS B 84 24.31 -8.66 1.00
C CYS B 84 24.20 -9.92 0.15
N ASN B 85 24.01 -11.08 0.79
CA ASN B 85 23.90 -12.32 0.05
C ASN B 85 22.53 -12.51 -0.58
N LEU B 86 21.56 -11.66 -0.25
CA LEU B 86 20.23 -11.79 -0.81
C LEU B 86 20.19 -11.37 -2.27
N ALA B 87 19.25 -11.92 -3.01
CA ALA B 87 19.06 -11.54 -4.40
C ALA B 87 18.50 -10.12 -4.49
N ASP B 88 18.98 -9.37 -5.45
CA ASP B 88 18.53 -7.99 -5.63
C ASP B 88 17.11 -7.98 -6.18
N PRO B 89 16.14 -7.39 -5.48
CA PRO B 89 14.76 -7.36 -5.97
C PRO B 89 14.46 -6.23 -6.93
N VAL B 90 15.47 -5.56 -7.48
CA VAL B 90 15.28 -4.48 -8.43
C VAL B 90 15.42 -5.03 -9.85
N GLY B 91 14.43 -4.77 -10.69
CA GLY B 91 14.44 -5.24 -12.05
C GLY B 91 13.80 -6.60 -12.25
N GLN B 92 13.44 -7.29 -11.18
CA GLN B 92 12.78 -8.58 -11.32
C GLN B 92 11.41 -8.42 -11.95
N VAL B 93 11.00 -9.41 -12.73
CA VAL B 93 9.72 -9.39 -13.42
C VAL B 93 8.69 -10.11 -12.57
N ILE B 94 7.57 -9.43 -12.31
CA ILE B 94 6.50 -10.05 -11.54
C ILE B 94 5.67 -10.98 -12.42
N ASP B 95 5.19 -10.45 -13.55
CA ASP B 95 4.39 -11.24 -14.47
C ASP B 95 4.40 -10.55 -15.83
N GLY B 96 3.75 -11.19 -16.80
CA GLY B 96 3.70 -10.65 -18.15
C GLY B 96 2.83 -11.50 -19.03
N GLY B 97 2.80 -11.13 -20.30
CA GLY B 97 2.00 -11.87 -21.26
C GLY B 97 1.92 -11.13 -22.58
N VAL B 98 1.08 -11.67 -23.46
CA VAL B 98 0.81 -11.08 -24.77
C VAL B 98 -0.69 -10.82 -24.85
N LEU B 99 -1.05 -9.59 -25.18
CA LEU B 99 -2.46 -9.24 -25.29
C LEU B 99 -3.01 -9.62 -26.66
N ASP B 100 -4.33 -9.47 -26.83
CA ASP B 100 -4.95 -9.78 -28.14
C ASP B 100 -4.32 -8.85 -29.18
N SER B 101 -4.25 -7.56 -28.90
CA SER B 101 -3.74 -6.60 -29.87
C SER B 101 -2.27 -6.80 -30.19
N GLY B 102 -1.61 -7.78 -29.57
CA GLY B 102 -0.22 -8.04 -29.86
C GLY B 102 0.77 -7.23 -29.07
N LEU B 103 0.37 -6.67 -27.93
CA LEU B 103 1.24 -5.85 -27.10
C LEU B 103 1.89 -6.72 -26.03
N ARG B 104 3.20 -6.93 -26.14
CA ARG B 104 3.94 -7.68 -25.14
C ARG B 104 4.00 -6.85 -23.86
N LEU B 105 3.32 -7.30 -22.82
CA LEU B 105 3.21 -6.55 -21.58
C LEU B 105 3.93 -7.28 -20.45
N GLU B 106 4.46 -6.51 -19.51
CA GLU B 106 5.13 -7.09 -18.35
C GLU B 106 5.13 -6.10 -17.20
N ARG B 107 5.46 -6.59 -16.02
CA ARG B 107 5.57 -5.75 -14.83
C ARG B 107 6.93 -5.93 -14.20
N ARG B 108 7.59 -4.82 -13.89
CA ARG B 108 8.95 -4.84 -13.34
C ARG B 108 9.01 -4.08 -12.03
N ARG B 109 9.89 -4.52 -11.13
CA ARG B 109 10.06 -3.86 -9.85
C ARG B 109 10.99 -2.66 -9.96
N VAL B 110 10.69 -1.62 -9.18
CA VAL B 110 11.49 -0.40 -9.15
C VAL B 110 11.54 0.12 -7.73
N PRO B 111 12.57 0.89 -7.40
CA PRO B 111 12.67 1.47 -6.05
C PRO B 111 11.58 2.50 -5.80
N LEU B 112 11.26 2.68 -4.51
CA LEU B 112 10.22 3.62 -4.13
C LEU B 112 10.68 5.06 -4.31
N GLY B 113 11.95 5.37 -4.00
CA GLY B 113 12.46 6.71 -4.06
C GLY B 113 13.16 7.09 -2.77
N VAL B 114 12.72 8.20 -2.19
CA VAL B 114 13.28 8.68 -0.93
C VAL B 114 12.42 8.17 0.22
N ILE B 115 13.07 7.60 1.23
CA ILE B 115 12.39 6.98 2.37
C ILE B 115 12.83 7.69 3.64
N GLY B 116 11.86 8.20 4.40
CA GLY B 116 12.13 8.75 5.71
C GLY B 116 11.75 7.74 6.77
N VAL B 117 12.56 7.65 7.82
CA VAL B 117 12.32 6.71 8.91
C VAL B 117 12.51 7.43 10.23
N ILE B 118 11.59 7.20 11.17
CA ILE B 118 11.66 7.75 12.51
C ILE B 118 11.56 6.57 13.46
N TYR B 119 12.68 6.16 14.05
CA TYR B 119 12.74 4.94 14.84
C TYR B 119 12.96 5.28 16.31
N GLU B 120 12.86 4.25 17.14
CA GLU B 120 13.01 4.39 18.59
C GLU B 120 14.50 4.39 18.94
N ALA B 121 14.80 4.45 20.24
CA ALA B 121 16.18 4.43 20.71
C ALA B 121 16.69 2.99 20.63
N ARG B 122 17.39 2.70 19.53
CA ARG B 122 17.95 1.38 19.28
C ARG B 122 19.11 1.55 18.32
N PRO B 123 20.25 0.92 18.57
CA PRO B 123 21.42 1.14 17.70
C PRO B 123 21.40 0.32 16.43
N ASN B 124 20.89 -0.91 16.47
CA ASN B 124 20.97 -1.79 15.31
C ASN B 124 19.99 -1.43 14.21
N VAL B 125 18.86 -0.80 14.55
CA VAL B 125 17.86 -0.48 13.55
C VAL B 125 18.42 0.50 12.53
N THR B 126 19.31 1.41 12.95
CA THR B 126 19.93 2.32 12.00
C THR B 126 20.72 1.55 10.94
N VAL B 127 21.54 0.61 11.37
CA VAL B 127 22.36 -0.15 10.43
C VAL B 127 21.48 -0.97 9.50
N ASP B 128 20.47 -1.64 10.05
CA ASP B 128 19.59 -2.44 9.20
C ASP B 128 18.83 -1.59 8.19
N VAL B 129 18.32 -0.43 8.62
CA VAL B 129 17.60 0.45 7.71
C VAL B 129 18.52 0.95 6.60
N ALA B 130 19.73 1.38 6.97
CA ALA B 130 20.66 1.85 5.95
C ALA B 130 21.02 0.75 4.96
N SER B 131 21.27 -0.46 5.47
CA SER B 131 21.62 -1.56 4.58
C SER B 131 20.48 -1.90 3.64
N LEU B 132 19.25 -1.98 4.16
CA LEU B 132 18.12 -2.31 3.30
C LEU B 132 17.89 -1.22 2.25
N CYS B 133 17.99 0.05 2.64
CA CYS B 133 17.76 1.12 1.68
C CYS B 133 18.85 1.16 0.62
N LEU B 134 20.10 0.87 0.99
CA LEU B 134 21.16 0.82 -0.01
C LEU B 134 20.98 -0.36 -0.96
N LYS B 135 20.60 -1.52 -0.42
CA LYS B 135 20.39 -2.69 -1.27
C LYS B 135 19.24 -2.47 -2.24
N THR B 136 18.16 -1.82 -1.77
CA THR B 136 16.98 -1.61 -2.58
C THR B 136 17.13 -0.45 -3.56
N GLY B 137 18.14 0.40 -3.40
CA GLY B 137 18.31 1.54 -4.27
C GLY B 137 17.57 2.79 -3.83
N ASN B 138 17.10 2.85 -2.60
CA ASN B 138 16.41 4.01 -2.07
C ASN B 138 17.36 4.89 -1.28
N ALA B 139 17.02 6.17 -1.18
CA ALA B 139 17.74 7.10 -0.32
C ALA B 139 16.99 7.27 0.98
N VAL B 140 17.71 7.30 2.10
CA VAL B 140 17.11 7.19 3.41
C VAL B 140 17.49 8.40 4.25
N ILE B 141 16.49 8.97 4.93
CA ILE B 141 16.67 10.03 5.91
C ILE B 141 16.18 9.49 7.24
N LEU B 142 17.08 9.39 8.21
CA LEU B 142 16.77 8.78 9.50
C LEU B 142 16.71 9.83 10.61
N ARG B 143 15.73 9.71 11.48
CA ARG B 143 15.63 10.55 12.68
C ARG B 143 15.61 9.63 13.88
N GLY B 144 16.71 9.63 14.65
CA GLY B 144 16.85 8.72 15.77
C GLY B 144 16.18 9.22 17.03
N GLY B 145 16.22 8.38 18.06
CA GLY B 145 15.68 8.71 19.35
C GLY B 145 16.60 9.60 20.15
N LYS B 146 16.13 9.99 21.33
CA LYS B 146 16.91 10.87 22.20
C LYS B 146 18.12 10.13 22.77
N GLU B 147 17.90 8.91 23.27
CA GLU B 147 18.99 8.19 23.94
C GLU B 147 20.12 7.87 22.98
N THR B 148 19.82 7.25 21.85
CA THR B 148 20.84 6.80 20.91
C THR B 148 21.31 7.99 20.09
N CYS B 149 22.17 8.80 20.71
CA CYS B 149 22.75 9.97 20.05
C CYS B 149 24.17 9.69 19.57
N ARG B 150 25.06 9.31 20.48
CA ARG B 150 26.46 9.11 20.13
C ARG B 150 26.66 7.84 19.32
N THR B 151 25.96 6.75 19.69
CA THR B 151 26.04 5.52 18.91
C THR B 151 25.53 5.73 17.49
N ASN B 152 24.41 6.43 17.36
CA ASN B 152 23.88 6.72 16.03
C ASN B 152 24.81 7.63 15.24
N ALA B 153 25.42 8.60 15.91
CA ALA B 153 26.37 9.47 15.23
C ALA B 153 27.56 8.67 14.70
N ALA B 154 28.10 7.77 15.51
CA ALA B 154 29.22 6.95 15.07
C ALA B 154 28.82 6.04 13.91
N THR B 155 27.64 5.42 14.00
CA THR B 155 27.19 4.53 12.95
C THR B 155 26.99 5.28 11.64
N VAL B 156 26.36 6.45 11.69
CA VAL B 156 26.13 7.21 10.47
C VAL B 156 27.44 7.74 9.92
N ALA B 157 28.40 8.08 10.78
CA ALA B 157 29.71 8.49 10.29
C ALA B 157 30.40 7.34 9.54
N VAL B 158 30.32 6.14 10.10
CA VAL B 158 30.92 4.98 9.42
C VAL B 158 30.25 4.74 8.07
N ILE B 159 28.92 4.80 8.04
CA ILE B 159 28.20 4.53 6.80
C ILE B 159 28.54 5.59 5.76
N GLN B 160 28.58 6.85 6.15
CA GLN B 160 28.92 7.91 5.21
C GLN B 160 30.36 7.78 4.71
N ASP B 161 31.28 7.38 5.58
CA ASP B 161 32.65 7.17 5.13
C ASP B 161 32.71 6.03 4.11
N ALA B 162 31.98 4.95 4.36
CA ALA B 162 31.96 3.85 3.39
C ALA B 162 31.37 4.29 2.06
N LEU B 163 30.28 5.07 2.10
CA LEU B 163 29.68 5.56 0.87
C LEU B 163 30.64 6.45 0.10
N LYS B 164 31.35 7.34 0.81
CA LYS B 164 32.31 8.20 0.14
C LYS B 164 33.44 7.39 -0.47
N SER B 165 33.92 6.37 0.24
CA SER B 165 34.98 5.53 -0.30
C SER B 165 34.52 4.79 -1.55
N CYS B 166 33.30 4.28 -1.55
CA CYS B 166 32.79 3.55 -2.71
C CYS B 166 32.46 4.45 -3.89
N GLY B 167 32.44 5.77 -3.69
CA GLY B 167 32.16 6.69 -4.77
C GLY B 167 30.69 7.00 -4.99
N LEU B 168 29.79 6.41 -4.22
CA LEU B 168 28.38 6.71 -4.33
C LEU B 168 28.11 8.13 -3.84
N PRO B 169 27.03 8.75 -4.31
CA PRO B 169 26.71 10.12 -3.85
C PRO B 169 26.50 10.15 -2.35
N ALA B 170 26.98 11.23 -1.74
CA ALA B 170 26.96 11.34 -0.28
C ALA B 170 25.56 11.57 0.27
N GLY B 171 24.60 11.94 -0.57
CA GLY B 171 23.25 12.18 -0.11
C GLY B 171 22.38 10.96 0.03
N ALA B 172 22.93 9.78 -0.22
CA ALA B 172 22.11 8.56 -0.17
C ALA B 172 21.57 8.31 1.23
N VAL B 173 22.41 8.49 2.25
CA VAL B 173 22.02 8.22 3.63
C VAL B 173 22.29 9.48 4.44
N GLN B 174 21.25 10.04 5.06
CA GLN B 174 21.40 11.22 5.89
C GLN B 174 20.63 11.05 7.19
N ALA B 175 21.11 11.71 8.23
CA ALA B 175 20.49 11.63 9.55
C ALA B 175 20.46 13.01 10.19
N ILE B 176 19.48 13.22 11.05
CA ILE B 176 19.27 14.50 11.73
C ILE B 176 19.70 14.34 13.18
N ASP B 177 20.70 15.14 13.58
CA ASP B 177 21.24 15.03 14.92
C ASP B 177 20.34 15.68 15.97
N ASN B 178 19.72 16.80 15.63
CA ASN B 178 18.96 17.56 16.62
C ASN B 178 17.73 16.79 17.05
N PRO B 179 17.52 16.57 18.36
CA PRO B 179 16.34 15.84 18.83
C PRO B 179 15.09 16.70 18.95
N ASP B 180 15.08 17.90 18.39
CA ASP B 180 13.89 18.75 18.47
C ASP B 180 12.74 18.15 17.68
N ARG B 181 11.54 18.24 18.25
CA ARG B 181 10.36 17.70 17.58
C ARG B 181 9.81 18.63 16.51
N ALA B 182 10.20 19.91 16.52
CA ALA B 182 9.82 20.80 15.43
C ALA B 182 10.40 20.33 14.11
N LEU B 183 11.65 19.85 14.12
CA LEU B 183 12.24 19.28 12.92
C LEU B 183 11.46 18.06 12.46
N VAL B 184 10.97 17.26 13.40
CA VAL B 184 10.13 16.12 13.05
C VAL B 184 8.85 16.59 12.36
N SER B 185 8.24 17.65 12.89
CA SER B 185 7.03 18.18 12.27
C SER B 185 7.30 18.68 10.86
N GLU B 186 8.41 19.40 10.68
CA GLU B 186 8.76 19.85 9.32
C GLU B 186 9.04 18.70 8.37
N MET B 187 9.70 17.65 8.84
CA MET B 187 9.87 16.45 8.01
C MET B 187 8.53 15.85 7.66
N LEU B 188 7.59 15.85 8.60
CA LEU B 188 6.25 15.34 8.32
C LEU B 188 5.55 16.17 7.25
N ARG B 189 5.69 17.48 7.30
CA ARG B 189 4.98 18.36 6.37
C ARG B 189 5.61 18.45 5.00
N MET B 190 6.84 17.96 4.82
CA MET B 190 7.54 18.04 3.54
C MET B 190 7.17 16.80 2.74
N ASP B 191 6.30 17.01 1.74
CA ASP B 191 5.70 15.92 0.99
C ASP B 191 6.39 15.68 -0.35
N LYS B 192 6.58 16.75 -1.13
CA LYS B 192 7.08 16.64 -2.49
C LYS B 192 8.51 16.10 -2.57
N TYR B 193 9.12 15.73 -1.44
CA TYR B 193 10.50 15.28 -1.42
C TYR B 193 10.64 13.83 -0.94
N ILE B 194 10.07 13.51 0.21
CA ILE B 194 10.06 12.13 0.69
C ILE B 194 8.85 11.40 0.11
N ASP B 195 9.06 10.17 -0.35
CA ASP B 195 7.99 9.41 -0.95
C ASP B 195 7.27 8.48 0.03
N MET B 196 7.88 8.17 1.17
CA MET B 196 7.26 7.26 2.13
C MET B 196 7.92 7.43 3.48
N LEU B 197 7.10 7.49 4.53
CA LEU B 197 7.56 7.71 5.90
C LEU B 197 7.22 6.49 6.74
N ILE B 198 8.19 6.02 7.50
CA ILE B 198 8.05 4.86 8.36
C ILE B 198 8.27 5.29 9.80
N PRO B 199 7.20 5.48 10.56
CA PRO B 199 7.37 5.78 11.99
C PRO B 199 7.37 4.53 12.85
N ARG B 200 8.34 4.41 13.74
CA ARG B 200 8.40 3.32 14.71
C ARG B 200 8.30 3.91 16.11
N GLY B 201 7.34 3.45 16.89
CA GLY B 201 7.18 3.95 18.24
C GLY B 201 5.80 3.61 18.78
N GLY B 202 5.43 4.32 19.84
CA GLY B 202 4.17 4.09 20.54
C GLY B 202 3.01 4.83 19.91
N ALA B 203 1.93 4.96 20.68
CA ALA B 203 0.72 5.57 20.17
C ALA B 203 0.88 7.08 19.98
N GLY B 204 1.66 7.72 20.85
CA GLY B 204 1.79 9.17 20.77
C GLY B 204 2.44 9.64 19.49
N LEU B 205 3.54 9.01 19.10
CA LEU B 205 4.21 9.38 17.87
C LEU B 205 3.34 9.12 16.66
N HIS B 206 2.65 7.97 16.63
CA HIS B 206 1.78 7.64 15.51
C HIS B 206 0.64 8.63 15.38
N LYS B 207 0.03 9.00 16.51
CA LYS B 207 -1.03 10.00 16.49
C LYS B 207 -0.50 11.33 15.99
N LEU B 208 0.69 11.72 16.46
CA LEU B 208 1.25 13.01 16.06
C LEU B 208 1.50 13.06 14.55
N CYS B 209 2.06 12.00 13.98
CA CYS B 209 2.31 12.05 12.54
C CYS B 209 1.01 11.99 11.76
N ARG B 210 0.12 11.05 12.12
CA ARG B 210 -1.13 10.91 11.37
C ARG B 210 -1.98 12.16 11.44
N GLU B 211 -1.81 12.99 12.49
CA GLU B 211 -2.53 14.26 12.53
C GLU B 211 -1.95 15.27 11.56
N GLN B 212 -0.63 15.25 11.34
CA GLN B 212 0.06 16.24 10.52
C GLN B 212 0.90 15.57 9.46
N SER B 213 0.33 14.60 8.75
CA SER B 213 1.03 13.89 7.69
C SER B 213 0.46 14.27 6.34
N THR B 214 1.35 14.60 5.40
CA THR B 214 0.99 14.77 4.01
C THR B 214 1.71 13.75 3.12
N ILE B 215 2.39 12.79 3.73
CA ILE B 215 3.12 11.75 3.01
C ILE B 215 2.45 10.41 3.30
N PRO B 216 2.49 9.45 2.39
CA PRO B 216 2.05 8.10 2.74
C PRO B 216 2.85 7.56 3.91
N VAL B 217 2.17 6.93 4.85
CA VAL B 217 2.76 6.48 6.10
C VAL B 217 2.44 5.02 6.29
N ILE B 218 3.47 4.21 6.56
CA ILE B 218 3.30 2.80 6.89
C ILE B 218 3.57 2.69 8.38
N THR B 219 2.49 2.73 9.16
CA THR B 219 2.61 2.81 10.61
C THR B 219 3.18 1.50 11.18
N GLY B 220 4.20 1.63 12.02
CA GLY B 220 4.70 0.46 12.74
C GLY B 220 3.68 -0.07 13.73
N GLY B 221 3.05 0.81 14.49
CA GLY B 221 1.99 0.42 15.40
C GLY B 221 2.47 -0.32 16.63
N ILE B 222 1.69 -0.24 17.71
CA ILE B 222 2.01 -0.99 18.91
C ILE B 222 1.49 -2.41 18.78
N GLY B 223 2.01 -3.29 19.63
CA GLY B 223 1.66 -4.70 19.54
C GLY B 223 1.01 -5.27 20.78
N VAL B 224 -0.26 -5.62 20.68
CA VAL B 224 -0.97 -6.33 21.73
C VAL B 224 -1.30 -7.71 21.18
N CYS B 225 -0.47 -8.70 21.49
CA CYS B 225 -0.59 -10.04 20.93
C CYS B 225 -1.32 -10.94 21.92
N HIS B 226 -2.39 -11.56 21.47
CA HIS B 226 -3.20 -12.44 22.30
C HIS B 226 -2.90 -13.89 21.98
N ILE B 227 -2.90 -14.72 23.01
CA ILE B 227 -2.71 -16.17 22.86
C ILE B 227 -3.95 -16.84 23.42
N TYR B 228 -4.60 -17.67 22.60
CA TYR B 228 -5.83 -18.33 22.97
C TYR B 228 -5.55 -19.80 23.25
N VAL B 229 -6.02 -20.29 24.40
CA VAL B 229 -5.83 -21.67 24.80
C VAL B 229 -7.16 -22.39 24.66
N ASP B 230 -7.18 -23.47 23.89
CA ASP B 230 -8.41 -24.20 23.64
C ASP B 230 -8.65 -25.25 24.72
N GLU B 231 -9.79 -25.94 24.62
CA GLU B 231 -10.15 -26.92 25.61
C GLU B 231 -9.20 -28.10 25.63
N SER B 232 -8.85 -28.62 24.45
CA SER B 232 -7.98 -29.79 24.34
C SER B 232 -6.60 -29.32 23.92
N VAL B 233 -5.63 -29.44 24.83
CA VAL B 233 -4.26 -29.00 24.56
C VAL B 233 -3.35 -29.65 25.59
N GLU B 234 -2.08 -29.83 25.21
CA GLU B 234 -1.08 -30.36 26.13
C GLU B 234 -0.67 -29.26 27.10
N ILE B 235 -0.77 -29.54 28.40
CA ILE B 235 -0.50 -28.51 29.39
C ILE B 235 0.97 -28.11 29.37
N ALA B 236 1.86 -29.10 29.36
CA ALA B 236 3.29 -28.80 29.44
C ALA B 236 3.77 -28.04 28.21
N GLU B 237 3.34 -28.46 27.02
CA GLU B 237 3.75 -27.79 25.80
C GLU B 237 3.20 -26.37 25.75
N ALA B 238 1.95 -26.18 26.15
CA ALA B 238 1.38 -24.83 26.17
C ALA B 238 2.14 -23.95 27.16
N LEU B 239 2.49 -24.49 28.32
CA LEU B 239 3.26 -23.70 29.28
C LEU B 239 4.62 -23.31 28.72
N LYS B 240 5.29 -24.25 28.05
CA LYS B 240 6.59 -23.93 27.46
C LYS B 240 6.47 -22.85 26.39
N VAL B 241 5.44 -22.95 25.55
CA VAL B 241 5.24 -21.94 24.51
C VAL B 241 4.97 -20.58 25.13
N ILE B 242 4.12 -20.53 26.16
CA ILE B 242 3.83 -19.26 26.81
C ILE B 242 5.08 -18.67 27.45
N VAL B 243 5.87 -19.51 28.11
CA VAL B 243 7.10 -19.03 28.75
C VAL B 243 8.05 -18.47 27.71
N ASN B 244 8.21 -19.16 26.58
CA ASN B 244 9.07 -18.64 25.53
C ASN B 244 8.54 -17.33 24.98
N ALA B 245 7.22 -17.21 24.82
CA ALA B 245 6.65 -15.99 24.27
C ALA B 245 6.85 -14.81 25.21
N LYS B 246 6.70 -15.02 26.51
CA LYS B 246 6.74 -13.91 27.46
C LYS B 246 8.15 -13.62 27.98
N THR B 247 8.79 -14.61 28.57
CA THR B 247 10.04 -14.37 29.29
C THR B 247 11.14 -13.85 28.37
N GLN B 248 11.26 -14.43 27.18
CA GLN B 248 12.36 -14.06 26.28
C GLN B 248 12.10 -12.69 25.69
N ARG B 249 12.96 -11.73 26.01
CA ARG B 249 12.90 -10.37 25.50
C ARG B 249 11.53 -9.74 25.72
N PRO B 250 11.17 -9.43 26.98
CA PRO B 250 9.85 -8.82 27.22
C PRO B 250 9.68 -7.43 26.62
N SER B 251 10.77 -6.75 26.29
CA SER B 251 10.68 -5.38 25.80
C SER B 251 10.24 -5.28 24.34
N THR B 252 10.20 -6.38 23.62
CA THR B 252 9.82 -6.34 22.21
C THR B 252 8.33 -6.02 22.04
N CYS B 253 7.91 -5.87 20.80
CA CYS B 253 6.54 -5.47 20.51
C CYS B 253 5.70 -6.66 20.08
N ASN B 254 6.31 -7.83 19.95
CA ASN B 254 5.59 -9.03 19.55
C ASN B 254 5.48 -10.02 20.68
N THR B 255 5.50 -9.52 21.91
CA THR B 255 5.38 -10.35 23.10
C THR B 255 3.93 -10.45 23.53
N VAL B 256 3.50 -11.65 23.91
CA VAL B 256 2.12 -11.86 24.33
C VAL B 256 1.78 -10.95 25.50
N GLU B 257 0.60 -10.34 25.44
CA GLU B 257 0.14 -9.44 26.49
C GLU B 257 -1.20 -9.84 27.09
N THR B 258 -1.92 -10.79 26.49
CA THR B 258 -3.20 -11.24 27.00
C THR B 258 -3.33 -12.74 26.74
N LEU B 259 -3.71 -13.47 27.78
CA LEU B 259 -3.86 -14.92 27.72
C LEU B 259 -5.34 -15.25 27.84
N LEU B 260 -5.90 -15.87 26.80
CA LEU B 260 -7.31 -16.25 26.78
C LEU B 260 -7.40 -17.75 27.06
N VAL B 261 -8.10 -18.11 28.13
CA VAL B 261 -8.19 -19.49 28.59
C VAL B 261 -9.65 -19.91 28.55
N ASN B 262 -9.91 -21.05 27.92
CA ASN B 262 -11.27 -21.59 27.88
C ASN B 262 -11.70 -22.03 29.27
N LYS B 263 -13.02 -21.97 29.51
CA LYS B 263 -13.54 -22.32 30.83
C LYS B 263 -13.27 -23.79 31.16
N ASN B 264 -13.45 -24.67 30.19
CA ASN B 264 -13.34 -26.10 30.47
C ASN B 264 -11.93 -26.48 30.89
N ILE B 265 -10.91 -25.90 30.25
CA ILE B 265 -9.54 -26.19 30.62
C ILE B 265 -9.06 -25.36 31.80
N ALA B 266 -9.77 -24.26 32.11
CA ALA B 266 -9.33 -23.37 33.18
C ALA B 266 -9.25 -24.07 34.53
N ASP B 267 -9.97 -25.17 34.70
CA ASP B 267 -9.89 -25.91 35.96
C ASP B 267 -8.48 -26.46 36.18
N SER B 268 -7.83 -26.91 35.11
CA SER B 268 -6.52 -27.53 35.23
C SER B 268 -5.38 -26.64 34.78
N PHE B 269 -5.60 -25.79 33.77
CA PHE B 269 -4.52 -24.97 33.25
C PHE B 269 -4.11 -23.88 34.23
N LEU B 270 -5.07 -23.27 34.91
CA LEU B 270 -4.77 -22.14 35.78
C LEU B 270 -3.82 -22.49 36.92
N PRO B 271 -4.01 -23.60 37.66
CA PRO B 271 -3.06 -23.88 38.76
C PRO B 271 -1.63 -24.06 38.27
N ALA B 272 -1.41 -24.96 37.31
CA ALA B 272 -0.06 -25.24 36.85
C ALA B 272 0.60 -23.98 36.31
N LEU B 273 -0.14 -23.18 35.54
CA LEU B 273 0.39 -21.91 35.06
C LEU B 273 0.87 -21.05 36.21
N SER B 274 0.08 -20.98 37.28
CA SER B 274 0.49 -20.19 38.45
C SER B 274 1.82 -20.69 39.01
N LYS B 275 2.07 -22.00 38.94
CA LYS B 275 3.35 -22.52 39.37
C LYS B 275 4.47 -22.10 38.43
N GLN B 276 4.19 -22.09 37.12
CA GLN B 276 5.24 -21.82 36.14
C GLN B 276 5.69 -20.36 36.19
N MET B 277 4.74 -19.43 36.14
CA MET B 277 5.10 -18.01 36.13
C MET B 277 5.78 -17.59 37.43
N ALA B 278 5.44 -18.26 38.54
CA ALA B 278 6.14 -17.99 39.79
C ALA B 278 7.64 -18.26 39.65
N GLU B 279 8.02 -19.23 38.81
CA GLU B 279 9.43 -19.44 38.53
C GLU B 279 10.03 -18.26 37.79
N SER B 280 9.28 -17.67 36.86
CA SER B 280 9.76 -16.55 36.06
C SER B 280 9.44 -15.20 36.69
N GLY B 281 8.70 -15.17 37.80
CA GLY B 281 8.39 -13.92 38.45
C GLY B 281 7.44 -13.02 37.68
N VAL B 282 6.60 -13.60 36.84
CA VAL B 282 5.66 -12.83 36.04
C VAL B 282 4.43 -12.53 36.90
N THR B 283 4.09 -11.24 37.01
CA THR B 283 2.90 -10.84 37.75
C THR B 283 1.67 -11.07 36.88
N LEU B 284 0.66 -11.71 37.45
CA LEU B 284 -0.54 -12.10 36.71
C LEU B 284 -1.66 -11.08 37.00
N HIS B 285 -2.01 -10.28 35.99
CA HIS B 285 -3.15 -9.38 36.10
C HIS B 285 -4.39 -10.15 35.67
N ALA B 286 -4.96 -10.85 36.64
CA ALA B 286 -6.05 -11.79 36.37
C ALA B 286 -7.40 -11.10 36.47
N ASP B 287 -8.36 -11.63 35.70
CA ASP B 287 -9.72 -11.13 35.73
C ASP B 287 -10.43 -11.62 37.00
N ALA B 288 -11.67 -11.18 37.17
CA ALA B 288 -12.44 -11.56 38.35
C ALA B 288 -12.69 -13.07 38.38
N ALA B 289 -13.01 -13.66 37.24
CA ALA B 289 -13.30 -15.09 37.20
C ALA B 289 -12.07 -15.92 37.57
N ALA B 290 -10.91 -15.56 37.05
CA ALA B 290 -9.69 -16.31 37.34
C ALA B 290 -9.03 -15.88 38.64
N LEU B 291 -9.53 -14.82 39.28
CA LEU B 291 -8.91 -14.35 40.52
C LEU B 291 -9.00 -15.41 41.62
N ALA B 292 -10.16 -16.05 41.74
CA ALA B 292 -10.33 -17.07 42.76
C ALA B 292 -9.39 -18.25 42.53
N GLN B 293 -9.26 -18.69 41.28
CA GLN B 293 -8.39 -19.83 40.99
C GLN B 293 -6.92 -19.48 41.20
N LEU B 294 -6.50 -18.30 40.77
CA LEU B 294 -5.10 -17.90 40.87
C LEU B 294 -4.74 -17.35 42.24
N GLN B 295 -5.71 -17.22 43.15
CA GLN B 295 -5.41 -16.66 44.47
C GLN B 295 -4.46 -17.56 45.25
N ALA B 296 -4.65 -18.88 45.18
CA ALA B 296 -3.81 -19.80 45.92
C ALA B 296 -2.47 -20.05 45.25
N GLY B 297 -2.31 -19.64 44.00
CA GLY B 297 -1.08 -19.88 43.27
C GLY B 297 0.10 -19.12 43.83
N PRO B 298 1.29 -19.72 43.75
CA PRO B 298 2.49 -19.03 44.23
C PRO B 298 2.78 -17.73 43.51
N ALA B 299 2.45 -17.64 42.23
CA ALA B 299 2.73 -16.43 41.46
C ALA B 299 1.89 -15.27 41.97
N LYS B 300 2.47 -14.07 41.94
CA LYS B 300 1.75 -12.88 42.39
C LYS B 300 0.62 -12.56 41.42
N VAL B 301 -0.56 -12.33 41.96
CA VAL B 301 -1.77 -12.10 41.17
C VAL B 301 -2.47 -10.85 41.67
N VAL B 302 -2.90 -10.00 40.73
CA VAL B 302 -3.61 -8.78 41.05
C VAL B 302 -4.78 -8.60 40.08
N ALA B 303 -5.77 -7.83 40.51
CA ALA B 303 -6.90 -7.52 39.65
C ALA B 303 -6.47 -6.65 38.48
N VAL B 304 -7.20 -6.75 37.38
CA VAL B 304 -6.87 -6.06 36.14
C VAL B 304 -7.90 -4.98 35.87
N LYS B 305 -7.42 -3.79 35.53
CA LYS B 305 -8.29 -2.68 35.16
C LYS B 305 -8.67 -2.76 33.69
N ALA B 306 -9.68 -1.98 33.32
CA ALA B 306 -10.21 -2.04 31.96
C ALA B 306 -9.18 -1.60 30.93
N GLU B 307 -8.42 -0.55 31.22
CA GLU B 307 -7.48 -0.02 30.24
C GLU B 307 -6.26 -0.91 30.04
N GLU B 308 -6.05 -1.89 30.92
CA GLU B 308 -4.88 -2.75 30.79
C GLU B 308 -4.97 -3.62 29.56
N TYR B 309 -6.18 -4.00 29.16
CA TYR B 309 -6.35 -4.87 28.00
C TYR B 309 -5.92 -4.20 26.70
N ASP B 310 -5.85 -2.87 26.67
CA ASP B 310 -5.57 -2.15 25.44
C ASP B 310 -4.22 -1.44 25.46
N ASP B 311 -3.32 -1.84 26.35
CA ASP B 311 -2.01 -1.22 26.45
C ASP B 311 -0.94 -2.29 26.59
N GLU B 312 0.27 -1.94 26.17
CA GLU B 312 1.40 -2.86 26.25
C GLU B 312 2.04 -2.77 27.64
N PHE B 313 2.29 -3.92 28.25
CA PHE B 313 2.91 -3.93 29.57
C PHE B 313 4.39 -3.58 29.51
N LEU B 314 5.11 -4.12 28.52
CA LEU B 314 6.54 -3.89 28.35
C LEU B 314 7.31 -4.28 29.61
N SER B 315 6.87 -5.35 30.26
CA SER B 315 7.51 -5.85 31.48
C SER B 315 7.07 -7.30 31.66
N LEU B 316 7.39 -7.85 32.83
CA LEU B 316 7.04 -9.24 33.14
C LEU B 316 5.64 -9.32 33.74
N ASP B 317 4.66 -8.95 32.92
CA ASP B 317 3.26 -8.97 33.33
C ASP B 317 2.42 -9.59 32.24
N LEU B 318 1.29 -10.16 32.63
CA LEU B 318 0.43 -10.88 31.71
C LEU B 318 -1.02 -10.71 32.14
N ASN B 319 -1.91 -10.65 31.15
CA ASN B 319 -3.34 -10.54 31.41
C ASN B 319 -3.99 -11.91 31.22
N VAL B 320 -4.72 -12.36 32.24
CA VAL B 320 -5.38 -13.66 32.22
C VAL B 320 -6.89 -13.41 32.22
N LYS B 321 -7.57 -13.89 31.18
CA LYS B 321 -9.00 -13.76 31.06
C LYS B 321 -9.61 -15.09 30.64
N ILE B 322 -10.80 -15.38 31.15
CA ILE B 322 -11.50 -16.62 30.85
C ILE B 322 -12.61 -16.29 29.85
N VAL B 323 -12.61 -16.97 28.72
CA VAL B 323 -13.60 -16.75 27.68
C VAL B 323 -14.49 -17.98 27.57
N SER B 324 -15.70 -17.77 27.05
CA SER B 324 -16.68 -18.85 26.97
C SER B 324 -16.28 -19.89 25.93
N ASP B 325 -16.06 -19.45 24.70
CA ASP B 325 -15.70 -20.38 23.63
C ASP B 325 -14.80 -19.70 22.61
N LEU B 326 -14.62 -20.34 21.45
CA LEU B 326 -13.80 -19.74 20.40
C LEU B 326 -14.40 -18.45 19.88
N ASP B 327 -15.72 -18.38 19.76
CA ASP B 327 -16.35 -17.16 19.27
C ASP B 327 -16.12 -15.99 20.21
N ASP B 328 -16.21 -16.23 21.52
CA ASP B 328 -15.95 -15.16 22.48
C ASP B 328 -14.51 -14.67 22.39
N ALA B 329 -13.57 -15.60 22.26
CA ALA B 329 -12.17 -15.21 22.13
C ALA B 329 -11.94 -14.43 20.85
N ILE B 330 -12.59 -14.83 19.76
CA ILE B 330 -12.45 -14.09 18.50
C ILE B 330 -13.02 -12.69 18.65
N ALA B 331 -14.18 -12.56 19.31
CA ALA B 331 -14.76 -11.24 19.52
C ALA B 331 -13.84 -10.36 20.36
N HIS B 332 -13.27 -10.92 21.43
CA HIS B 332 -12.37 -10.14 22.28
C HIS B 332 -11.13 -9.71 21.51
N ILE B 333 -10.55 -10.62 20.72
CA ILE B 333 -9.37 -10.27 19.93
C ILE B 333 -9.70 -9.18 18.93
N ARG B 334 -10.87 -9.27 18.29
CA ARG B 334 -11.27 -8.25 17.33
C ARG B 334 -11.47 -6.91 18.01
N GLU B 335 -12.08 -6.90 19.20
CA GLU B 335 -12.38 -5.64 19.87
C GLU B 335 -11.12 -4.97 20.40
N HIS B 336 -10.25 -5.72 21.09
CA HIS B 336 -9.13 -5.12 21.80
C HIS B 336 -7.78 -5.36 21.13
N GLY B 337 -7.73 -6.11 20.03
CA GLY B 337 -6.48 -6.38 19.38
C GLY B 337 -6.00 -5.22 18.53
N THR B 338 -4.68 -5.14 18.38
CA THR B 338 -4.03 -4.14 17.55
C THR B 338 -3.62 -4.70 16.19
N GLN B 339 -4.05 -5.92 15.87
CA GLN B 339 -3.78 -6.56 14.58
C GLN B 339 -2.28 -6.69 14.34
N HIS B 340 -1.58 -7.28 15.31
CA HIS B 340 -0.15 -7.49 15.21
C HIS B 340 0.23 -8.96 15.11
N SER B 341 -0.20 -9.78 16.07
CA SER B 341 0.11 -11.20 16.06
C SER B 341 -0.84 -11.96 16.99
N ASP B 342 -1.33 -13.11 16.55
CA ASP B 342 -2.24 -13.89 17.38
C ASP B 342 -1.95 -15.37 17.18
N ALA B 343 -1.97 -16.12 18.28
CA ALA B 343 -1.65 -17.54 18.24
C ALA B 343 -2.72 -18.32 19.00
N ILE B 344 -2.96 -19.55 18.55
CA ILE B 344 -3.93 -20.43 19.18
C ILE B 344 -3.24 -21.75 19.48
N LEU B 345 -3.41 -22.24 20.71
CA LEU B 345 -2.90 -23.54 21.12
C LEU B 345 -4.09 -24.48 21.25
N THR B 346 -4.09 -25.55 20.47
CA THR B 346 -5.25 -26.43 20.41
C THR B 346 -4.83 -27.78 19.87
N ARG B 347 -5.75 -28.74 19.99
CA ARG B 347 -5.60 -30.06 19.39
C ARG B 347 -6.78 -30.42 18.50
N ASP B 348 -7.63 -29.46 18.17
CA ASP B 348 -8.79 -29.69 17.32
C ASP B 348 -8.56 -29.03 15.97
N MET B 349 -8.77 -29.80 14.89
CA MET B 349 -8.54 -29.27 13.55
C MET B 349 -9.54 -28.18 13.21
N ARG B 350 -10.82 -28.41 13.50
CA ARG B 350 -11.85 -27.45 13.11
C ARG B 350 -11.65 -26.10 13.81
N ASN B 351 -11.32 -26.13 15.10
CA ASN B 351 -11.08 -24.88 15.82
C ASN B 351 -9.91 -24.11 15.23
N ALA B 352 -8.82 -24.81 14.90
CA ALA B 352 -7.68 -24.15 14.30
C ALA B 352 -8.03 -23.53 12.96
N GLN B 353 -8.76 -24.27 12.11
CA GLN B 353 -9.14 -23.72 10.82
C GLN B 353 -10.03 -22.50 10.97
N ARG B 354 -11.00 -22.56 11.88
CA ARG B 354 -11.89 -21.42 12.07
C ARG B 354 -11.14 -20.22 12.61
N PHE B 355 -10.22 -20.44 13.55
CA PHE B 355 -9.45 -19.33 14.09
C PHE B 355 -8.58 -18.69 13.01
N VAL B 356 -7.96 -19.51 12.17
CA VAL B 356 -7.14 -18.95 11.09
C VAL B 356 -8.00 -18.17 10.12
N ASN B 357 -9.20 -18.68 9.81
CA ASN B 357 -10.05 -18.01 8.82
C ASN B 357 -10.59 -16.68 9.35
N GLU B 358 -11.05 -16.66 10.59
CA GLU B 358 -11.84 -15.54 11.08
C GLU B 358 -11.04 -14.43 11.74
N VAL B 359 -9.72 -14.58 11.88
CA VAL B 359 -8.90 -13.59 12.55
C VAL B 359 -8.10 -12.84 11.48
N ASP B 360 -8.36 -11.55 11.37
CA ASP B 360 -7.70 -10.70 10.38
C ASP B 360 -6.51 -9.96 10.98
N SER B 361 -5.56 -10.73 11.52
CA SER B 361 -4.34 -10.16 12.04
C SER B 361 -3.22 -10.24 11.01
N SER B 362 -2.13 -9.52 11.27
CA SER B 362 -0.99 -9.57 10.37
C SER B 362 -0.22 -10.87 10.47
N ALA B 363 -0.48 -11.67 11.50
CA ALA B 363 0.18 -12.96 11.65
C ALA B 363 -0.66 -13.85 12.55
N VAL B 364 -0.95 -15.06 12.08
CA VAL B 364 -1.73 -16.03 12.83
C VAL B 364 -0.91 -17.30 12.96
N TYR B 365 -0.81 -17.82 14.18
CA TYR B 365 -0.02 -19.00 14.47
C TYR B 365 -0.90 -20.08 15.09
N VAL B 366 -0.64 -21.32 14.72
CA VAL B 366 -1.30 -22.48 15.30
C VAL B 366 -0.25 -23.32 15.99
N ASN B 367 -0.40 -23.50 17.30
CA ASN B 367 0.56 -24.23 18.11
C ASN B 367 1.97 -23.69 17.93
N ALA B 368 2.10 -22.38 18.08
CA ALA B 368 3.40 -21.73 17.94
C ALA B 368 3.40 -20.45 18.78
N SER B 369 4.60 -19.96 19.05
CA SER B 369 4.76 -18.74 19.82
C SER B 369 4.55 -17.51 18.96
N THR B 370 4.29 -16.38 19.61
CA THR B 370 4.14 -15.12 18.91
C THR B 370 5.46 -14.38 18.72
N ARG B 371 6.57 -14.98 19.14
CA ARG B 371 7.88 -14.35 18.99
C ARG B 371 8.48 -14.57 17.61
N PHE B 372 7.80 -15.30 16.73
CA PHE B 372 8.31 -15.51 15.37
C PHE B 372 8.04 -14.34 14.45
N THR B 373 7.27 -13.35 14.87
CA THR B 373 6.93 -12.23 14.00
C THR B 373 8.13 -11.31 13.87
N ASP B 374 9.16 -11.75 13.16
CA ASP B 374 10.37 -10.96 12.96
C ASP B 374 10.83 -11.16 11.52
N GLY B 375 11.55 -10.15 11.01
CA GLY B 375 12.03 -10.24 9.64
C GLY B 375 13.01 -11.38 9.44
N GLY B 376 13.95 -11.55 10.37
CA GLY B 376 14.93 -12.60 10.23
C GLY B 376 14.34 -13.99 10.31
N GLN B 377 13.42 -14.21 11.26
CA GLN B 377 12.82 -15.51 11.42
C GLN B 377 11.95 -15.87 10.23
N PHE B 378 11.25 -14.91 9.66
CA PHE B 378 10.33 -15.17 8.55
C PHE B 378 11.03 -15.44 7.24
N GLY B 379 12.36 -15.58 7.20
CA GLY B 379 13.07 -15.87 5.99
C GLY B 379 13.66 -14.66 5.29
N LEU B 380 13.10 -13.48 5.54
CA LEU B 380 13.69 -12.27 4.99
C LEU B 380 15.02 -11.97 5.68
N GLY B 381 15.90 -11.29 4.96
CA GLY B 381 17.22 -11.01 5.51
C GLY B 381 17.16 -10.12 6.74
N ALA B 382 16.39 -9.05 6.66
CA ALA B 382 16.22 -8.14 7.79
C ALA B 382 14.93 -7.37 7.59
N GLU B 383 14.43 -6.79 8.67
CA GLU B 383 13.19 -6.04 8.65
C GLU B 383 13.46 -4.58 8.97
N VAL B 384 12.72 -3.69 8.31
CA VAL B 384 12.79 -2.28 8.62
C VAL B 384 11.79 -1.92 9.72
N ALA B 385 10.63 -2.57 9.72
CA ALA B 385 9.58 -2.37 10.72
C ALA B 385 8.49 -3.39 10.47
N VAL B 386 7.67 -3.61 11.49
CA VAL B 386 6.50 -4.48 11.39
C VAL B 386 5.30 -3.58 11.12
N SER B 387 4.63 -3.81 10.00
CA SER B 387 3.50 -2.98 9.59
C SER B 387 2.21 -3.64 10.03
N THR B 388 1.41 -2.92 10.81
CA THR B 388 0.11 -3.42 11.25
C THR B 388 -1.04 -2.91 10.41
N GLN B 389 -0.78 -2.07 9.41
CA GLN B 389 -1.84 -1.54 8.56
C GLN B 389 -2.17 -2.56 7.47
N LYS B 390 -3.07 -2.18 6.57
CA LYS B 390 -3.48 -3.05 5.48
C LYS B 390 -2.98 -2.61 4.12
N LEU B 391 -2.62 -1.35 3.96
CA LEU B 391 -2.17 -0.85 2.67
C LEU B 391 -0.71 -1.19 2.44
N HIS B 392 -0.38 -1.57 1.20
CA HIS B 392 0.98 -1.91 0.77
C HIS B 392 1.48 -3.08 1.61
N ALA B 393 2.61 -2.97 2.29
CA ALA B 393 3.17 -4.10 3.02
C ALA B 393 2.39 -4.37 4.30
N ARG B 394 2.52 -5.59 4.79
CA ARG B 394 1.89 -6.01 6.03
C ARG B 394 2.77 -7.05 6.68
N GLY B 395 2.77 -7.08 8.02
CA GLY B 395 3.67 -7.92 8.75
C GLY B 395 5.09 -7.40 8.63
N PRO B 396 6.08 -8.29 8.81
CA PRO B 396 7.47 -7.87 8.62
C PRO B 396 7.71 -7.34 7.22
N MET B 397 8.53 -6.30 7.13
CA MET B 397 8.81 -5.63 5.86
C MET B 397 10.23 -5.97 5.44
N GLY B 398 10.34 -6.69 4.32
CA GLY B 398 11.61 -7.08 3.77
C GLY B 398 12.02 -6.24 2.59
N LEU B 399 12.88 -6.80 1.73
CA LEU B 399 13.33 -6.08 0.56
C LEU B 399 12.19 -5.79 -0.40
N GLU B 400 11.31 -6.76 -0.60
CA GLU B 400 10.21 -6.56 -1.55
C GLU B 400 9.18 -5.56 -1.03
N ALA B 401 9.20 -5.27 0.28
CA ALA B 401 8.25 -4.31 0.83
C ALA B 401 8.66 -2.87 0.55
N LEU B 402 9.91 -2.65 0.14
CA LEU B 402 10.41 -1.32 -0.17
C LEU B 402 10.48 -1.04 -1.67
N THR B 403 9.72 -1.78 -2.47
CA THR B 403 9.73 -1.62 -3.91
C THR B 403 8.30 -1.51 -4.43
N THR B 404 8.14 -0.78 -5.52
CA THR B 404 6.87 -0.72 -6.24
C THR B 404 7.09 -1.36 -7.60
N TYR B 405 6.06 -1.33 -8.44
CA TYR B 405 6.16 -1.96 -9.75
C TYR B 405 5.71 -0.99 -10.83
N LYS B 406 6.02 -1.35 -12.08
CA LYS B 406 5.76 -0.50 -13.23
C LYS B 406 5.44 -1.39 -14.42
N TRP B 407 4.39 -1.02 -15.15
CA TRP B 407 4.02 -1.75 -16.36
C TRP B 407 4.86 -1.30 -17.54
N ILE B 408 5.28 -2.25 -18.37
CA ILE B 408 6.04 -1.96 -19.57
C ILE B 408 5.40 -2.69 -20.74
N GLY B 409 5.14 -1.97 -21.82
CA GLY B 409 4.54 -2.56 -22.99
C GLY B 409 5.35 -2.31 -24.25
N ILE B 410 5.53 -3.34 -25.06
CA ILE B 410 6.29 -3.26 -26.31
C ILE B 410 5.37 -3.70 -27.44
N GLY B 411 5.36 -2.93 -28.53
CA GLY B 411 4.56 -3.28 -29.68
C GLY B 411 5.14 -2.66 -30.93
N ASP B 412 4.62 -3.11 -32.08
CA ASP B 412 5.05 -2.59 -33.38
C ASP B 412 4.00 -1.60 -33.88
N TYR B 413 4.03 -0.40 -33.29
CA TYR B 413 3.08 0.66 -33.61
C TYR B 413 1.64 0.17 -33.44
N THR B 414 1.40 -0.55 -32.36
CA THR B 414 0.09 -1.13 -32.09
C THR B 414 -0.91 -0.03 -31.74
N ILE B 415 -2.14 -0.18 -32.24
CA ILE B 415 -3.19 0.82 -32.08
C ILE B 415 -4.39 0.16 -31.44
N ARG B 416 -4.94 0.80 -30.41
CA ARG B 416 -6.14 0.29 -29.76
C ARG B 416 -7.35 0.44 -30.68
N ALA B 417 -8.12 -0.63 -30.82
CA ALA B 417 -9.28 -0.62 -31.70
C ALA B 417 -10.57 -0.45 -30.90
PA NAP C . 8.00 5.62 22.26
O1A NAP C . 7.40 6.72 23.06
O2A NAP C . 7.09 4.68 21.55
O5B NAP C . 9.06 6.21 21.22
C5B NAP C . 8.61 7.23 20.29
C4B NAP C . 9.70 7.51 19.29
O4B NAP C . 9.34 8.71 18.56
C3B NAP C . 11.06 7.89 19.88
O3B NAP C . 12.05 7.89 18.85
C2B NAP C . 10.76 9.30 20.36
O2B NAP C . 11.96 10.06 20.54
C1B NAP C . 9.88 9.83 19.23
N9A NAP C . 8.77 10.65 19.69
C8A NAP C . 8.07 10.51 20.87
N7A NAP C . 7.13 11.40 21.02
C5A NAP C . 7.21 12.19 19.88
C6A NAP C . 6.47 13.30 19.45
N6A NAP C . 5.47 13.83 20.15
N1A NAP C . 6.81 13.86 18.26
C2A NAP C . 7.81 13.31 17.57
N3A NAP C . 8.57 12.27 17.87
C4A NAP C . 8.22 11.74 19.06
O3 NAP C . 8.96 4.76 23.23
PN NAP C . 10.07 3.66 22.87
O1N NAP C . 10.48 2.97 24.14
O2N NAP C . 11.13 4.29 22.04
O5D NAP C . 9.20 2.65 21.97
C5D NAP C . 8.26 1.76 22.63
C4D NAP C . 7.28 1.24 21.61
O4D NAP C . 7.95 0.81 20.41
C3D NAP C . 6.41 0.03 22.02
O3D NAP C . 5.08 0.45 22.32
C2D NAP C . 6.49 -0.92 20.82
O2D NAP C . 5.24 -1.49 20.45
C1D NAP C . 7.03 -0.01 19.73
N1N NAP C . 7.75 -0.71 18.64
C2N NAP C . 7.08 -1.08 17.51
C3N NAP C . 7.76 -1.74 16.48
C7N NAP C . 7.00 -2.13 15.25
O7N NAP C . 7.60 -2.71 14.33
N7N NAP C . 5.71 -1.86 15.20
C4N NAP C . 9.11 -2.01 16.62
C5N NAP C . 9.77 -1.63 17.77
C6N NAP C . 9.09 -0.98 18.77
P2B NAP C . 11.73 11.39 21.42
O1X NAP C . 10.93 12.38 20.60
O2X NAP C . 13.12 11.91 21.75
O3X NAP C . 10.98 10.94 22.66
CD VHF D . 8.84 -5.34 17.86
OE1 VHF D . 9.53 -4.69 18.58
CG VHF D . 9.48 -6.39 16.95
CB VHF D . 11.00 -6.31 16.95
CA VHF D . 11.65 -7.54 16.34
C VHF D . 11.70 -8.72 17.31
O VHF D . 12.79 -9.02 17.88
OXT VHF D . 10.67 -9.40 17.54
N VHF D . 10.92 -7.94 15.15
#